data_5HLP
#
_entry.id   5HLP
#
_cell.length_a   65.048
_cell.length_b   67.667
_cell.length_c   67.770
_cell.angle_alpha   79.670
_cell.angle_beta   76.660
_cell.angle_gamma   88.920
#
_symmetry.space_group_name_H-M   'P 1'
#
loop_
_entity.id
_entity.type
_entity.pdbx_description
1 polymer 'Glycogen synthase kinase-3 beta'
2 non-polymer 4-(2-methoxyphenyl)-3,7,7-trimethyl-1,6,7,8-tetrahydro-5H-pyrazolo[3,4-b]quinolin-5-one
3 water water
#
_entity_poly.entity_id   1
_entity_poly.type   'polypeptide(L)'
_entity_poly.pdbx_seq_one_letter_code
;GSPGMSGRPRTTSFAESCKPVQQPSAFGSMKVSRDKDGSKVTTVVATPGQGPDRPQEVSYTDTKVIGNGSFGVVYQAKLC
DSGELVAIKKVLQDKRFKNRELQIMRKLDHCNIVRLRYFFYSSGEKKDEVYLNLVLDYVPETVYRVARHYSRAKQTLPVI
YVKLYMYQLFRSLAYIHSFGICHRDIKPQNLLLDPDTAVLKLCDFGSAKQLVRGEPNVS(PTR)ICSRYYRAPELIFGAT
DYTSSIDVWSAGCVLAELLLGQPIFPGDSGVDQLVEIIKVLGTP(TPO)REQIREMNPNYTEFKFPQIKAHPWTKVFRPR
TPPEAIALCSRLLEYTPTARLTPLEACAHSFFDELRDPNVKLPNGRDTPALFNFTTQELSSNPPLATILIPPHARIQAAA
STPTNATAASDANTGDRGQTNNAASASASNST
;
_entity_poly.pdbx_strand_id   A,B
#
loop_
_chem_comp.id
_chem_comp.type
_chem_comp.name
_chem_comp.formula
65A non-polymer 4-(2-methoxyphenyl)-3,7,7-trimethyl-1,6,7,8-tetrahydro-5H-pyrazolo[3,4-b]quinolin-5-one 'C20 H21 N3 O2'
#
# COMPACT_ATOMS: atom_id res chain seq x y z
N LYS A 40 -16.54 -15.94 -27.42
CA LYS A 40 -15.17 -16.56 -27.47
C LYS A 40 -14.97 -17.48 -26.26
N VAL A 41 -14.67 -18.76 -26.53
CA VAL A 41 -14.72 -19.79 -25.49
C VAL A 41 -13.31 -20.31 -25.27
N THR A 42 -12.90 -20.34 -24.00
CA THR A 42 -11.63 -20.93 -23.60
C THR A 42 -12.00 -22.23 -22.89
N THR A 43 -11.26 -23.28 -23.21
CA THR A 43 -11.45 -24.62 -22.60
C THR A 43 -10.12 -24.94 -22.04
N VAL A 44 -10.09 -25.45 -20.83
CA VAL A 44 -8.85 -25.85 -20.22
C VAL A 44 -9.13 -27.12 -19.47
N VAL A 45 -8.08 -27.80 -19.08
CA VAL A 45 -8.18 -28.95 -18.22
C VAL A 45 -7.88 -28.53 -16.79
N ALA A 46 -8.89 -28.59 -15.93
CA ALA A 46 -8.78 -28.09 -14.53
C ALA A 46 -9.15 -29.16 -13.52
N THR A 47 -8.44 -29.22 -12.42
CA THR A 47 -8.81 -30.07 -11.31
C THR A 47 -9.82 -29.37 -10.40
N PRO A 48 -10.82 -30.09 -9.88
CA PRO A 48 -11.75 -29.37 -9.01
C PRO A 48 -11.12 -29.04 -7.64
N GLY A 49 -11.52 -27.90 -7.08
CA GLY A 49 -10.90 -27.36 -5.87
C GLY A 49 -10.98 -28.29 -4.66
N GLN A 50 -12.16 -28.87 -4.47
CA GLN A 50 -12.38 -29.86 -3.47
C GLN A 50 -12.81 -31.10 -4.25
N GLY A 51 -12.04 -32.16 -4.18
CA GLY A 51 -12.52 -33.44 -4.66
C GLY A 51 -11.42 -34.46 -4.73
N PRO A 52 -11.57 -35.44 -5.64
CA PRO A 52 -10.39 -36.22 -6.04
C PRO A 52 -9.68 -35.45 -7.16
N ASP A 53 -8.35 -35.65 -7.29
CA ASP A 53 -7.54 -35.05 -8.38
C ASP A 53 -8.03 -35.65 -9.69
N ARG A 54 -9.10 -35.09 -10.25
CA ARG A 54 -9.73 -35.65 -11.44
C ARG A 54 -9.89 -34.53 -12.45
N PRO A 55 -8.84 -34.30 -13.25
CA PRO A 55 -8.89 -33.20 -14.20
C PRO A 55 -9.99 -33.38 -15.24
N GLN A 56 -10.79 -32.34 -15.43
CA GLN A 56 -11.90 -32.36 -16.35
C GLN A 56 -11.78 -31.12 -17.20
N GLU A 57 -12.25 -31.22 -18.44
CA GLU A 57 -12.30 -30.09 -19.32
C GLU A 57 -13.32 -29.12 -18.72
N VAL A 58 -12.96 -27.83 -18.67
CA VAL A 58 -13.85 -26.75 -18.26
C VAL A 58 -13.77 -25.65 -19.32
N SER A 59 -14.93 -25.07 -19.61
CA SER A 59 -15.05 -24.01 -20.57
C SER A 59 -15.59 -22.74 -19.92
N TYR A 60 -14.99 -21.62 -20.31
CA TYR A 60 -15.50 -20.34 -19.86
C TYR A 60 -15.43 -19.26 -20.94
N THR A 61 -16.25 -18.24 -20.77
CA THR A 61 -16.22 -17.12 -21.70
C THR A 61 -16.24 -15.73 -21.01
N ASP A 62 -16.34 -14.64 -21.79
CA ASP A 62 -16.62 -13.29 -21.26
C ASP A 62 -15.47 -12.75 -20.35
N THR A 63 -14.26 -13.19 -20.64
CA THR A 63 -13.09 -12.86 -19.88
C THR A 63 -12.82 -11.35 -19.90
N LYS A 64 -12.37 -10.82 -18.75
CA LYS A 64 -12.38 -9.40 -18.42
C LYS A 64 -11.41 -9.15 -17.26
N VAL A 65 -10.38 -8.35 -17.44
CA VAL A 65 -9.47 -8.03 -16.32
C VAL A 65 -10.22 -7.17 -15.31
N ILE A 66 -10.04 -7.49 -14.03
CA ILE A 66 -10.71 -6.77 -12.87
C ILE A 66 -9.77 -6.47 -11.73
N GLY A 67 -8.50 -6.77 -11.89
CA GLY A 67 -7.56 -6.76 -10.80
C GLY A 67 -6.18 -7.12 -11.20
N ASN A 68 -5.23 -6.76 -10.33
CA ASN A 68 -3.83 -7.18 -10.43
C ASN A 68 -3.02 -6.95 -9.16
N GLY A 69 -1.77 -7.41 -9.16
CA GLY A 69 -0.90 -7.26 -8.00
C GLY A 69 0.43 -7.78 -8.41
N SER A 70 1.32 -7.95 -7.45
CA SER A 70 2.67 -8.38 -7.83
C SER A 70 2.62 -9.85 -8.25
N PHE A 71 1.61 -10.56 -7.73
CA PHE A 71 1.29 -11.94 -8.08
C PHE A 71 0.97 -12.20 -9.57
N GLY A 72 0.25 -11.27 -10.19
CA GLY A 72 -0.20 -11.32 -11.60
C GLY A 72 -1.50 -10.53 -11.77
N VAL A 73 -2.55 -11.18 -12.28
CA VAL A 73 -3.80 -10.54 -12.73
C VAL A 73 -5.02 -11.34 -12.29
N VAL A 74 -6.14 -10.67 -12.13
CA VAL A 74 -7.39 -11.28 -11.78
C VAL A 74 -8.44 -10.96 -12.85
N TYR A 75 -9.23 -11.97 -13.24
CA TYR A 75 -10.22 -11.87 -14.32
C TYR A 75 -11.58 -12.26 -13.79
N GLN A 76 -12.61 -11.79 -14.46
CA GLN A 76 -13.94 -12.32 -14.28
C GLN A 76 -14.25 -13.09 -15.57
N ALA A 77 -15.06 -14.12 -15.47
CA ALA A 77 -15.42 -14.99 -16.56
C ALA A 77 -16.74 -15.62 -16.23
N LYS A 78 -17.42 -16.09 -17.28
CA LYS A 78 -18.66 -16.81 -17.16
C LYS A 78 -18.33 -18.24 -17.52
N LEU A 79 -18.69 -19.19 -16.63
CA LEU A 79 -18.68 -20.65 -16.95
C LEU A 79 -19.75 -21.04 -17.98
N CYS A 80 -19.32 -21.62 -19.10
CA CYS A 80 -20.23 -21.99 -20.20
C CYS A 80 -21.33 -23.00 -19.82
N ASP A 81 -21.00 -24.00 -19.00
CA ASP A 81 -22.01 -25.00 -18.59
C ASP A 81 -23.16 -24.41 -17.73
N SER A 82 -22.83 -23.80 -16.59
CA SER A 82 -23.83 -23.32 -15.63
C SER A 82 -24.22 -21.87 -15.86
N GLY A 83 -23.48 -21.13 -16.68
CA GLY A 83 -23.63 -19.68 -16.72
C GLY A 83 -23.08 -18.92 -15.51
N GLU A 84 -22.68 -19.60 -14.43
CA GLU A 84 -22.21 -18.92 -13.21
C GLU A 84 -20.95 -18.10 -13.44
N LEU A 85 -20.83 -17.05 -12.65
CA LEU A 85 -19.72 -16.13 -12.75
C LEU A 85 -18.59 -16.55 -11.80
N VAL A 86 -17.37 -16.22 -12.23
CA VAL A 86 -16.19 -16.63 -11.57
C VAL A 86 -15.12 -15.58 -11.68
N ALA A 87 -14.31 -15.48 -10.62
CA ALA A 87 -13.05 -14.79 -10.72
C ALA A 87 -11.98 -15.84 -10.93
N ILE A 88 -10.93 -15.45 -11.63
CA ILE A 88 -9.76 -16.30 -11.83
C ILE A 88 -8.50 -15.51 -11.47
N LYS A 89 -7.83 -15.92 -10.42
CA LYS A 89 -6.58 -15.33 -10.04
C LYS A 89 -5.46 -16.09 -10.74
N LYS A 90 -4.70 -15.39 -11.57
CA LYS A 90 -3.61 -15.93 -12.34
C LYS A 90 -2.26 -15.48 -11.71
N VAL A 91 -1.41 -16.46 -11.37
CA VAL A 91 -0.26 -16.25 -10.53
C VAL A 91 0.92 -16.93 -11.10
N LEU A 92 2.04 -16.21 -11.20
CA LEU A 92 3.24 -16.82 -11.73
C LEU A 92 3.72 -17.81 -10.68
N GLN A 93 3.94 -19.04 -11.13
CA GLN A 93 4.52 -20.06 -10.29
C GLN A 93 5.87 -20.47 -10.87
N ASP A 94 6.86 -20.65 -10.00
CA ASP A 94 8.05 -21.44 -10.31
C ASP A 94 7.75 -22.85 -9.84
N LYS A 95 8.64 -23.77 -10.16
CA LYS A 95 8.50 -25.16 -9.72
C LYS A 95 9.21 -25.41 -8.39
N ARG A 96 10.02 -24.43 -7.94
CA ARG A 96 10.71 -24.45 -6.63
C ARG A 96 9.82 -24.34 -5.36
N PHE A 97 8.50 -24.51 -5.52
CA PHE A 97 7.54 -24.34 -4.43
C PHE A 97 6.08 -24.78 -4.81
N LYS A 98 5.47 -25.56 -3.90
CA LYS A 98 4.02 -25.62 -3.75
C LYS A 98 3.52 -24.18 -3.43
N ASN A 99 2.50 -23.73 -4.18
CA ASN A 99 1.80 -22.51 -3.88
C ASN A 99 1.08 -22.67 -2.56
N ARG A 100 1.38 -21.80 -1.61
CA ARG A 100 0.73 -21.81 -0.31
C ARG A 100 -0.78 -21.45 -0.34
N GLU A 101 -1.15 -20.49 -1.19
CA GLU A 101 -2.56 -20.09 -1.23
C GLU A 101 -3.38 -21.30 -1.68
N LEU A 102 -2.90 -21.99 -2.73
CA LEU A 102 -3.55 -23.18 -3.23
C LEU A 102 -3.72 -24.30 -2.18
N GLN A 103 -2.62 -24.64 -1.51
CA GLN A 103 -2.62 -25.65 -0.42
C GLN A 103 -3.70 -25.36 0.57
N ILE A 104 -3.81 -24.08 0.94
CA ILE A 104 -4.81 -23.59 1.92
C ILE A 104 -6.22 -23.63 1.33
N MET A 105 -6.41 -23.12 0.14
CA MET A 105 -7.74 -23.14 -0.45
C MET A 105 -8.30 -24.57 -0.60
N ARG A 106 -7.49 -25.58 -0.86
CA ARG A 106 -8.04 -26.94 -1.03
C ARG A 106 -8.61 -27.56 0.26
N LYS A 107 -8.07 -27.17 1.40
CA LYS A 107 -8.58 -27.61 2.69
C LYS A 107 -9.87 -26.98 3.12
N LEU A 108 -10.26 -25.83 2.57
CA LEU A 108 -11.34 -25.00 3.16
C LEU A 108 -12.72 -25.21 2.55
N ASP A 109 -13.74 -25.41 3.38
CA ASP A 109 -15.09 -25.64 2.86
C ASP A 109 -16.05 -25.07 3.87
N HIS A 110 -16.64 -23.92 3.54
CA HIS A 110 -17.39 -23.16 4.51
C HIS A 110 -18.20 -22.03 3.86
N CYS A 111 -19.43 -21.85 4.32
CA CYS A 111 -20.35 -20.91 3.66
C CYS A 111 -19.86 -19.44 3.65
N ASN A 112 -19.09 -19.04 4.66
CA ASN A 112 -18.52 -17.70 4.75
C ASN A 112 -17.04 -17.58 4.29
N ILE A 113 -16.54 -18.57 3.55
CA ILE A 113 -15.26 -18.48 2.88
C ILE A 113 -15.48 -18.67 1.39
N VAL A 114 -14.82 -17.84 0.57
CA VAL A 114 -14.92 -17.96 -0.86
C VAL A 114 -14.42 -19.35 -1.29
N ARG A 115 -15.14 -19.94 -2.22
CA ARG A 115 -14.91 -21.29 -2.68
C ARG A 115 -13.93 -21.35 -3.87
N LEU A 116 -12.96 -22.23 -3.75
CA LEU A 116 -12.11 -22.54 -4.86
C LEU A 116 -12.88 -23.57 -5.71
N ARG A 117 -13.31 -23.17 -6.91
CA ARG A 117 -14.07 -24.05 -7.81
C ARG A 117 -13.14 -25.00 -8.54
N TYR A 118 -12.10 -24.47 -9.19
CA TYR A 118 -11.15 -25.26 -9.94
C TYR A 118 -9.82 -24.58 -9.85
N PHE A 119 -8.79 -25.27 -10.34
CA PHE A 119 -7.49 -24.67 -10.58
C PHE A 119 -6.84 -25.29 -11.79
N PHE A 120 -6.07 -24.51 -12.54
CA PHE A 120 -5.45 -25.02 -13.76
C PHE A 120 -4.19 -24.27 -14.14
N TYR A 121 -3.33 -24.88 -14.96
CA TYR A 121 -2.07 -24.26 -15.35
C TYR A 121 -2.13 -23.77 -16.80
N SER A 122 -1.41 -22.68 -17.07
CA SER A 122 -1.38 -22.02 -18.37
C SER A 122 -0.01 -21.40 -18.64
N SER A 123 0.23 -21.04 -19.89
CA SER A 123 1.43 -20.33 -20.33
C SER A 123 1.24 -18.83 -20.07
N GLU A 129 7.99 -20.46 -18.47
CA GLU A 129 7.17 -19.56 -17.66
C GLU A 129 5.73 -20.04 -17.54
N VAL A 130 5.38 -20.59 -16.38
CA VAL A 130 4.07 -21.24 -16.14
C VAL A 130 3.21 -20.58 -15.00
N TYR A 131 1.92 -20.35 -15.27
CA TYR A 131 1.05 -19.73 -14.29
C TYR A 131 0.00 -20.67 -13.70
N LEU A 132 -0.41 -20.34 -12.48
CA LEU A 132 -1.45 -21.05 -11.80
C LEU A 132 -2.68 -20.20 -11.87
N ASN A 133 -3.82 -20.80 -12.10
CA ASN A 133 -5.04 -20.08 -12.21
C ASN A 133 -5.97 -20.66 -11.16
N LEU A 134 -6.46 -19.81 -10.26
CA LEU A 134 -7.37 -20.23 -9.23
C LEU A 134 -8.68 -19.75 -9.70
N VAL A 135 -9.67 -20.63 -9.78
CA VAL A 135 -11.03 -20.20 -10.26
C VAL A 135 -11.91 -20.11 -9.04
N LEU A 136 -12.32 -18.87 -8.70
CA LEU A 136 -13.04 -18.61 -7.45
C LEU A 136 -14.43 -18.17 -7.75
N ASP A 137 -15.31 -18.29 -6.78
CA ASP A 137 -16.64 -17.68 -6.94
C ASP A 137 -16.55 -16.14 -7.01
N TYR A 138 -17.42 -15.56 -7.83
CA TYR A 138 -17.46 -14.12 -8.05
C TYR A 138 -18.61 -13.49 -7.34
N VAL A 139 -18.31 -12.46 -6.55
CA VAL A 139 -19.32 -11.79 -5.76
C VAL A 139 -19.04 -10.31 -6.06
N PRO A 140 -20.05 -9.58 -6.54
CA PRO A 140 -19.71 -8.29 -7.17
C PRO A 140 -19.35 -7.13 -6.19
N GLU A 141 -19.72 -7.27 -4.91
CA GLU A 141 -19.49 -6.23 -3.89
C GLU A 141 -18.68 -6.71 -2.71
N THR A 142 -18.18 -5.74 -1.95
CA THR A 142 -17.42 -5.98 -0.69
C THR A 142 -17.98 -5.12 0.41
N VAL A 143 -17.62 -5.45 1.65
CA VAL A 143 -18.01 -4.62 2.77
C VAL A 143 -17.40 -3.24 2.54
N TYR A 144 -16.18 -3.20 2.05
CA TYR A 144 -15.57 -1.92 1.89
C TYR A 144 -16.43 -1.02 1.01
N ARG A 145 -16.86 -1.52 -0.14
CA ARG A 145 -17.64 -0.69 -1.08
C ARG A 145 -19.01 -0.33 -0.61
N VAL A 146 -19.65 -1.25 0.09
CA VAL A 146 -20.93 -0.97 0.64
C VAL A 146 -20.76 0.10 1.68
N ALA A 147 -19.85 -0.11 2.62
CA ALA A 147 -19.62 0.88 3.71
C ALA A 147 -19.26 2.28 3.16
N ARG A 148 -18.59 2.34 2.02
CA ARG A 148 -18.13 3.60 1.50
C ARG A 148 -19.30 4.42 0.90
N HIS A 149 -20.28 3.77 0.31
CA HIS A 149 -21.48 4.48 -0.14
C HIS A 149 -22.11 5.20 1.03
N TYR A 150 -22.25 4.53 2.18
CA TYR A 150 -22.74 5.20 3.39
C TYR A 150 -21.92 6.43 3.76
N SER A 151 -20.66 6.20 3.97
CA SER A 151 -19.70 7.21 4.37
C SER A 151 -19.62 8.43 3.42
N ARG A 152 -19.57 8.23 2.12
CA ARG A 152 -19.62 9.36 1.17
C ARG A 152 -20.89 10.21 1.28
N ALA A 153 -21.99 9.64 1.78
CA ALA A 153 -23.22 10.39 2.15
C ALA A 153 -23.32 10.80 3.63
N LYS A 154 -22.20 10.96 4.32
CA LYS A 154 -22.21 11.35 5.73
C LYS A 154 -23.19 10.51 6.61
N GLN A 155 -23.35 9.24 6.26
CA GLN A 155 -24.34 8.32 6.85
C GLN A 155 -23.67 7.06 7.48
N THR A 156 -24.46 6.36 8.26
CA THR A 156 -23.97 5.29 9.12
C THR A 156 -24.72 3.98 8.79
N LEU A 157 -23.97 2.94 8.48
CA LEU A 157 -24.58 1.68 8.14
C LEU A 157 -25.46 1.21 9.31
N PRO A 158 -26.71 0.81 9.07
CA PRO A 158 -27.52 0.33 10.19
C PRO A 158 -26.88 -0.82 10.97
N VAL A 159 -27.13 -0.84 12.26
CA VAL A 159 -26.50 -1.76 13.20
C VAL A 159 -26.80 -3.22 12.90
N ILE A 160 -28.01 -3.54 12.45
CA ILE A 160 -28.37 -4.93 12.00
C ILE A 160 -27.37 -5.47 10.97
N TYR A 161 -26.93 -4.63 10.02
CA TYR A 161 -25.95 -5.04 9.02
C TYR A 161 -24.55 -5.23 9.64
N VAL A 162 -24.22 -4.35 10.57
CA VAL A 162 -23.00 -4.46 11.30
C VAL A 162 -23.01 -5.76 12.05
N LYS A 163 -24.15 -6.12 12.67
CA LYS A 163 -24.21 -7.45 13.34
C LYS A 163 -24.03 -8.68 12.42
N LEU A 164 -24.83 -8.71 11.37
CA LEU A 164 -24.72 -9.72 10.37
C LEU A 164 -23.33 -9.86 9.80
N TYR A 165 -22.73 -8.75 9.39
CA TYR A 165 -21.46 -8.87 8.71
C TYR A 165 -20.35 -9.30 9.67
N MET A 166 -20.29 -8.65 10.82
CA MET A 166 -19.30 -9.02 11.81
C MET A 166 -19.44 -10.42 12.27
N TYR A 167 -20.67 -10.90 12.45
CA TYR A 167 -20.87 -12.26 12.94
C TYR A 167 -20.29 -13.27 11.96
N GLN A 168 -20.55 -13.04 10.67
CA GLN A 168 -20.12 -14.02 9.67
C GLN A 168 -18.58 -13.99 9.52
N LEU A 169 -17.99 -12.83 9.77
CA LEU A 169 -16.55 -12.73 9.71
C LEU A 169 -15.99 -13.50 10.86
N PHE A 170 -16.58 -13.36 12.04
CA PHE A 170 -16.08 -14.13 13.18
C PHE A 170 -16.22 -15.61 12.89
N ARG A 171 -17.31 -16.05 12.27
CA ARG A 171 -17.40 -17.48 11.93
C ARG A 171 -16.27 -17.92 11.04
N SER A 172 -16.07 -17.18 9.96
CA SER A 172 -15.05 -17.55 9.02
C SER A 172 -13.71 -17.69 9.76
N LEU A 173 -13.43 -16.78 10.69
CA LEU A 173 -12.19 -16.85 11.48
C LEU A 173 -12.11 -18.04 12.45
N ALA A 174 -13.20 -18.41 13.11
CA ALA A 174 -13.24 -19.67 13.90
C ALA A 174 -12.91 -20.91 13.08
N TYR A 175 -13.45 -20.94 11.88
CA TYR A 175 -13.19 -22.01 10.97
C TYR A 175 -11.74 -22.08 10.61
N ILE A 176 -11.14 -21.00 10.15
CA ILE A 176 -9.74 -21.14 9.65
C ILE A 176 -8.79 -21.35 10.84
N HIS A 177 -9.04 -20.67 11.95
CA HIS A 177 -8.15 -20.77 13.09
C HIS A 177 -8.15 -22.18 13.69
N SER A 178 -9.26 -22.89 13.64
CA SER A 178 -9.30 -24.31 14.06
C SER A 178 -8.37 -25.27 13.31
N PHE A 179 -7.94 -24.90 12.11
CA PHE A 179 -6.89 -25.57 11.39
C PHE A 179 -5.55 -24.97 11.70
N GLY A 180 -5.47 -23.95 12.55
CA GLY A 180 -4.21 -23.18 12.72
C GLY A 180 -3.84 -22.26 11.55
N ILE A 181 -4.79 -21.94 10.69
CA ILE A 181 -4.48 -21.00 9.63
C ILE A 181 -4.75 -19.56 10.09
N CYS A 182 -3.81 -18.66 9.85
CA CYS A 182 -4.01 -17.25 10.10
C CYS A 182 -4.13 -16.54 8.76
N HIS A 183 -5.15 -15.69 8.61
CA HIS A 183 -5.41 -15.02 7.33
C HIS A 183 -4.36 -13.92 7.02
N ARG A 184 -4.05 -13.14 8.04
CA ARG A 184 -3.03 -12.08 8.00
C ARG A 184 -3.33 -10.94 7.07
N ASP A 185 -4.57 -10.78 6.70
CA ASP A 185 -5.02 -9.65 5.86
C ASP A 185 -6.55 -9.32 5.96
N ILE A 186 -7.09 -9.44 7.18
CA ILE A 186 -8.45 -9.08 7.43
C ILE A 186 -8.54 -7.57 7.24
N LYS A 187 -9.33 -7.18 6.25
CA LYS A 187 -9.75 -5.79 6.04
C LYS A 187 -11.09 -5.81 5.23
N PRO A 188 -11.84 -4.70 5.22
CA PRO A 188 -13.17 -4.64 4.57
C PRO A 188 -13.19 -4.96 3.09
N GLN A 189 -12.08 -4.72 2.41
CA GLN A 189 -11.90 -4.96 0.98
C GLN A 189 -11.78 -6.43 0.61
N ASN A 190 -11.62 -7.28 1.62
CA ASN A 190 -11.38 -8.71 1.50
C ASN A 190 -12.53 -9.43 2.05
N LEU A 191 -13.62 -8.73 2.32
CA LEU A 191 -14.89 -9.33 2.67
C LEU A 191 -15.90 -9.18 1.53
N LEU A 192 -16.12 -10.27 0.83
CA LEU A 192 -17.11 -10.30 -0.24
C LEU A 192 -18.50 -10.25 0.33
N LEU A 193 -19.40 -9.58 -0.38
CA LEU A 193 -20.71 -9.33 0.16
C LEU A 193 -21.78 -9.43 -0.94
N ASP A 194 -22.72 -10.35 -0.78
CA ASP A 194 -23.99 -10.31 -1.54
C ASP A 194 -24.99 -9.45 -0.77
N PRO A 195 -25.21 -8.20 -1.20
CA PRO A 195 -26.00 -7.32 -0.33
C PRO A 195 -27.51 -7.66 -0.24
N ASP A 196 -28.10 -8.36 -1.23
CA ASP A 196 -29.50 -8.85 -1.14
C ASP A 196 -29.68 -9.98 -0.06
N THR A 197 -28.75 -10.95 -0.05
CA THR A 197 -28.79 -12.03 0.97
C THR A 197 -28.06 -11.73 2.28
N ALA A 198 -27.35 -10.60 2.34
CA ALA A 198 -26.44 -10.29 3.41
C ALA A 198 -25.39 -11.39 3.74
N VAL A 199 -25.06 -12.24 2.76
CA VAL A 199 -24.04 -13.28 2.96
C VAL A 199 -22.67 -12.65 2.76
N LEU A 200 -21.76 -12.97 3.68
CA LEU A 200 -20.38 -12.46 3.64
C LEU A 200 -19.45 -13.62 3.46
N LYS A 201 -18.46 -13.45 2.59
CA LYS A 201 -17.42 -14.45 2.38
C LYS A 201 -16.05 -13.83 2.49
N LEU A 202 -15.20 -14.43 3.29
CA LEU A 202 -13.83 -14.04 3.38
C LEU A 202 -13.10 -14.47 2.13
N CYS A 203 -12.32 -13.58 1.58
CA CYS A 203 -11.52 -13.92 0.41
CA CYS A 203 -11.56 -13.79 0.35
C CYS A 203 -10.09 -13.37 0.54
N ASP A 204 -9.28 -13.61 -0.48
CA ASP A 204 -7.85 -13.22 -0.56
C ASP A 204 -6.96 -13.86 0.49
N PHE A 205 -6.62 -15.11 0.21
CA PHE A 205 -5.75 -15.86 1.09
C PHE A 205 -4.29 -15.83 0.68
N GLY A 206 -3.87 -14.85 -0.12
CA GLY A 206 -2.45 -14.71 -0.53
C GLY A 206 -1.42 -14.31 0.54
N SER A 207 -1.86 -13.88 1.71
CA SER A 207 -0.96 -13.73 2.88
C SER A 207 -1.20 -14.80 3.93
N ALA A 208 -2.17 -15.70 3.72
CA ALA A 208 -2.56 -16.63 4.75
C ALA A 208 -1.47 -17.67 5.01
N LYS A 209 -1.39 -18.17 6.24
CA LYS A 209 -0.38 -19.14 6.61
C LYS A 209 -0.68 -19.94 7.84
N GLN A 210 -0.21 -21.19 7.87
CA GLN A 210 -0.23 -21.98 9.09
C GLN A 210 0.83 -21.54 10.10
N LEU A 211 0.40 -21.21 11.32
CA LEU A 211 1.32 -20.82 12.35
C LEU A 211 1.55 -21.97 13.28
N VAL A 212 2.83 -22.19 13.55
CA VAL A 212 3.32 -23.29 14.33
C VAL A 212 4.09 -22.67 15.50
N ARG A 213 3.66 -22.94 16.73
CA ARG A 213 4.49 -22.69 17.94
C ARG A 213 5.97 -22.93 17.61
N GLY A 214 6.79 -21.88 17.74
CA GLY A 214 8.22 -21.94 17.57
C GLY A 214 8.74 -21.85 16.15
N GLU A 215 7.90 -21.50 15.17
CA GLU A 215 8.39 -21.13 13.82
C GLU A 215 8.15 -19.66 13.68
N PRO A 216 9.23 -18.85 13.57
CA PRO A 216 9.00 -17.39 13.54
C PRO A 216 8.31 -16.96 12.25
N ASN A 217 7.64 -15.82 12.30
CA ASN A 217 6.96 -15.27 11.10
C ASN A 217 7.22 -13.82 10.90
N VAL A 218 7.02 -13.38 9.68
CA VAL A 218 7.33 -12.00 9.28
C VAL A 218 6.42 -11.00 10.04
N SER A 219 7.02 -9.95 10.59
CA SER A 219 6.27 -8.99 11.41
C SER A 219 5.48 -7.97 10.55
N PTR A 220 6.06 -7.50 9.43
CA PTR A 220 5.41 -6.59 8.46
C PTR A 220 4.41 -7.30 7.53
O PTR A 220 4.70 -7.55 6.36
CB PTR A 220 6.45 -5.85 7.61
CG PTR A 220 5.95 -4.58 6.92
CD1 PTR A 220 5.80 -3.39 7.65
CD2 PTR A 220 5.64 -4.57 5.54
CE1 PTR A 220 5.34 -2.21 7.01
CE2 PTR A 220 5.23 -3.39 4.93
CZ PTR A 220 5.08 -2.21 5.66
OH PTR A 220 4.64 -1.04 5.05
P PTR A 220 3.08 -0.56 5.11
O1P PTR A 220 2.97 0.43 3.97
O2P PTR A 220 2.40 -1.88 4.94
O3P PTR A 220 2.93 0.00 6.48
N ILE A 221 3.23 -7.61 8.06
CA ILE A 221 2.10 -8.16 7.28
C ILE A 221 0.84 -7.46 7.83
N CYS A 222 -0.28 -7.80 7.18
CA CYS A 222 -1.56 -7.10 7.35
CA CYS A 222 -1.56 -7.09 7.30
C CYS A 222 -1.46 -5.72 6.70
N SER A 223 -2.57 -5.25 6.16
CA SER A 223 -2.68 -3.87 5.77
C SER A 223 -2.57 -3.05 7.02
N ARG A 224 -1.94 -1.91 6.83
CA ARG A 224 -1.44 -1.07 7.91
C ARG A 224 -2.50 -0.69 8.91
N TYR A 225 -3.64 -0.23 8.43
CA TYR A 225 -4.65 0.26 9.32
C TYR A 225 -5.22 -0.82 10.23
N TYR A 226 -5.09 -2.07 9.82
CA TYR A 226 -5.72 -3.19 10.47
C TYR A 226 -4.68 -4.01 11.22
N ARG A 227 -3.43 -3.49 11.26
CA ARG A 227 -2.25 -4.22 11.80
C ARG A 227 -2.11 -4.15 13.33
N ALA A 228 -2.13 -5.32 13.94
CA ALA A 228 -2.02 -5.44 15.38
C ALA A 228 -0.72 -4.86 15.91
N PRO A 229 -0.77 -4.29 17.13
CA PRO A 229 0.39 -3.65 17.73
C PRO A 229 1.60 -4.61 17.93
N GLU A 230 1.37 -5.86 18.33
CA GLU A 230 2.49 -6.78 18.41
C GLU A 230 3.28 -6.80 17.11
N LEU A 231 2.59 -6.74 15.98
CA LEU A 231 3.29 -6.71 14.69
C LEU A 231 4.14 -5.43 14.47
N ILE A 232 3.66 -4.30 14.95
CA ILE A 232 4.38 -3.04 14.83
C ILE A 232 5.65 -3.00 15.70
N PHE A 233 5.59 -3.58 16.90
CA PHE A 233 6.78 -3.82 17.74
C PHE A 233 7.75 -4.88 17.18
N GLY A 234 7.44 -5.56 16.07
CA GLY A 234 8.37 -6.48 15.39
C GLY A 234 8.31 -7.92 15.88
N ALA A 235 7.25 -8.29 16.59
CA ALA A 235 7.08 -9.66 17.01
C ALA A 235 7.09 -10.58 15.80
N THR A 236 7.73 -11.73 16.00
CA THR A 236 7.80 -12.82 15.05
C THR A 236 7.24 -14.11 15.65
N ASP A 237 6.86 -14.12 16.92
CA ASP A 237 6.20 -15.27 17.58
C ASP A 237 4.68 -15.00 17.85
N TYR A 238 4.07 -14.24 16.99
CA TYR A 238 2.64 -13.92 17.15
C TYR A 238 1.71 -15.06 16.83
N THR A 239 0.49 -14.93 17.31
CA THR A 239 -0.55 -15.94 17.09
C THR A 239 -1.64 -15.45 16.13
N SER A 240 -2.62 -16.32 15.96
CA SER A 240 -3.89 -16.03 15.26
C SER A 240 -4.69 -14.84 15.76
N SER A 241 -4.45 -14.44 17.01
CA SER A 241 -5.08 -13.28 17.57
C SER A 241 -4.78 -11.99 16.75
N ILE A 242 -3.79 -11.95 15.88
CA ILE A 242 -3.63 -10.71 15.07
C ILE A 242 -4.88 -10.51 14.17
N ASP A 243 -5.51 -11.62 13.71
CA ASP A 243 -6.71 -11.56 12.86
C ASP A 243 -7.89 -10.92 13.61
N VAL A 244 -7.95 -11.19 14.92
CA VAL A 244 -8.93 -10.61 15.81
C VAL A 244 -8.73 -9.11 16.06
N TRP A 245 -7.48 -8.65 16.17
CA TRP A 245 -7.19 -7.21 16.18
C TRP A 245 -7.80 -6.60 14.93
N SER A 246 -7.45 -7.19 13.80
CA SER A 246 -7.95 -6.68 12.55
C SER A 246 -9.48 -6.61 12.50
N ALA A 247 -10.14 -7.65 12.99
CA ALA A 247 -11.62 -7.72 13.01
C ALA A 247 -12.26 -6.60 13.83
N GLY A 248 -11.69 -6.31 14.98
CA GLY A 248 -12.17 -5.20 15.79
C GLY A 248 -11.97 -3.84 15.12
N CYS A 249 -10.93 -3.72 14.31
CA CYS A 249 -10.70 -2.54 13.46
C CYS A 249 -11.77 -2.41 12.36
N VAL A 250 -12.20 -3.53 11.78
CA VAL A 250 -13.28 -3.53 10.84
C VAL A 250 -14.59 -3.11 11.53
N LEU A 251 -14.89 -3.66 12.69
CA LEU A 251 -16.06 -3.30 13.46
C LEU A 251 -16.05 -1.85 13.81
N ALA A 252 -14.96 -1.39 14.40
CA ALA A 252 -14.82 0.01 14.72
C ALA A 252 -15.02 0.89 13.50
N GLU A 253 -14.49 0.51 12.35
CA GLU A 253 -14.66 1.30 11.12
C GLU A 253 -16.11 1.38 10.69
N LEU A 254 -16.83 0.26 10.88
CA LEU A 254 -18.23 0.21 10.50
C LEU A 254 -19.12 1.04 11.44
N LEU A 255 -18.78 1.14 12.71
CA LEU A 255 -19.43 2.08 13.63
C LEU A 255 -19.00 3.52 13.46
N LEU A 256 -17.79 3.82 13.02
CA LEU A 256 -17.34 5.21 12.79
C LEU A 256 -17.59 5.85 11.43
N GLY A 257 -17.73 5.06 10.38
CA GLY A 257 -17.77 5.59 9.03
C GLY A 257 -16.39 5.80 8.43
N GLN A 258 -15.31 5.50 9.18
CA GLN A 258 -13.94 5.65 8.67
C GLN A 258 -12.97 4.85 9.53
N PRO A 259 -11.73 4.61 9.03
CA PRO A 259 -10.78 3.82 9.82
C PRO A 259 -10.52 4.43 11.17
N ILE A 260 -10.50 3.60 12.22
CA ILE A 260 -10.18 4.10 13.59
C ILE A 260 -8.69 4.52 13.81
N PHE A 261 -7.78 3.89 13.07
CA PHE A 261 -6.36 4.15 13.23
C PHE A 261 -5.66 4.41 11.88
N PRO A 262 -5.80 5.63 11.33
CA PRO A 262 -5.24 5.92 9.99
C PRO A 262 -3.78 6.41 10.02
N GLY A 263 -2.85 5.46 10.00
CA GLY A 263 -1.43 5.72 10.15
C GLY A 263 -0.70 6.12 8.87
N ASP A 264 0.14 7.14 8.99
CA ASP A 264 1.02 7.61 7.91
C ASP A 264 2.04 6.59 7.50
N SER A 265 2.42 5.73 8.42
CA SER A 265 3.33 4.64 8.11
C SER A 265 3.21 3.52 9.17
N GLY A 266 3.94 2.43 8.89
CA GLY A 266 4.07 1.29 9.76
C GLY A 266 4.25 1.65 11.23
N VAL A 267 4.99 2.71 11.47
CA VAL A 267 5.35 3.16 12.81
C VAL A 267 4.39 4.24 13.31
N ASP A 268 3.91 5.11 12.42
CA ASP A 268 2.90 6.11 12.87
C ASP A 268 1.57 5.36 13.22
N GLN A 269 1.31 4.24 12.55
CA GLN A 269 0.27 3.32 13.03
C GLN A 269 0.25 3.16 14.55
N LEU A 270 1.40 2.95 15.18
CA LEU A 270 1.41 2.76 16.62
C LEU A 270 0.92 4.03 17.36
N VAL A 271 1.29 5.20 16.86
CA VAL A 271 0.96 6.48 17.48
C VAL A 271 -0.54 6.65 17.47
N GLU A 272 -1.14 6.48 16.30
CA GLU A 272 -2.61 6.47 16.15
C GLU A 272 -3.32 5.52 17.11
N ILE A 273 -2.82 4.29 17.24
CA ILE A 273 -3.37 3.37 18.22
C ILE A 273 -3.33 3.97 19.61
N ILE A 274 -2.14 4.47 19.97
CA ILE A 274 -1.93 5.08 21.30
C ILE A 274 -2.88 6.23 21.62
N LYS A 275 -3.20 7.11 20.67
CA LYS A 275 -4.20 8.20 20.93
C LYS A 275 -5.48 7.73 21.55
N VAL A 276 -5.90 6.52 21.18
CA VAL A 276 -7.16 5.92 21.65
C VAL A 276 -6.91 4.95 22.84
N LEU A 277 -5.99 4.01 22.73
CA LEU A 277 -5.77 3.10 23.85
C LEU A 277 -4.88 3.65 24.95
N GLY A 278 -4.18 4.73 24.64
CA GLY A 278 -3.10 5.18 25.47
C GLY A 278 -1.88 4.30 25.43
N THR A 279 -0.79 4.86 25.97
CA THR A 279 0.47 4.17 26.09
C THR A 279 0.31 2.81 26.79
N PRO A 280 0.92 1.77 26.25
CA PRO A 280 0.80 0.47 26.90
C PRO A 280 1.69 0.32 28.13
N TPO A 281 1.24 -0.42 29.19
CA TPO A 281 1.82 -0.95 30.46
CB TPO A 281 0.86 -1.74 31.47
CG2 TPO A 281 -0.35 -0.83 31.67
OG1 TPO A 281 0.32 -3.14 31.32
P TPO A 281 -0.65 -4.13 32.38
O1P TPO A 281 -1.89 -3.37 32.82
O2P TPO A 281 0.26 -4.61 33.50
O3P TPO A 281 -1.17 -5.38 31.68
C TPO A 281 3.11 -1.64 30.10
O TPO A 281 3.29 -2.10 28.99
N ARG A 282 4.04 -1.72 31.04
CA ARG A 282 5.29 -2.45 30.82
C ARG A 282 5.00 -3.94 30.58
N GLU A 283 4.01 -4.50 31.30
CA GLU A 283 3.61 -5.90 31.13
C GLU A 283 2.92 -6.09 29.76
N GLN A 284 2.15 -5.08 29.33
CA GLN A 284 1.53 -5.11 28.00
C GLN A 284 2.60 -5.22 26.94
N ILE A 285 3.62 -4.37 27.03
CA ILE A 285 4.68 -4.42 26.01
C ILE A 285 5.39 -5.77 26.02
N ARG A 286 5.55 -6.39 27.19
CA ARG A 286 6.25 -7.66 27.27
C ARG A 286 5.39 -8.79 26.67
N GLU A 287 4.08 -8.70 26.83
CA GLU A 287 3.18 -9.70 26.25
C GLU A 287 3.13 -9.65 24.71
N MET A 288 3.43 -8.47 24.14
CA MET A 288 3.50 -8.28 22.72
C MET A 288 4.79 -8.75 22.07
N ASN A 289 5.92 -8.44 22.69
CA ASN A 289 7.27 -8.83 22.21
C ASN A 289 8.15 -8.84 23.44
N PRO A 290 8.44 -10.04 24.03
CA PRO A 290 9.23 -10.11 25.29
C PRO A 290 10.66 -9.52 25.20
N ASN A 291 11.23 -9.53 23.99
CA ASN A 291 12.54 -8.95 23.69
C ASN A 291 12.41 -7.44 23.50
N PHE A 295 12.12 2.65 19.80
CA PHE A 295 10.79 3.29 20.01
C PHE A 295 10.66 4.31 21.16
N LYS A 296 10.74 5.59 20.84
CA LYS A 296 10.48 6.68 21.78
C LYS A 296 9.05 7.16 21.52
N PHE A 297 8.22 7.22 22.57
CA PHE A 297 6.88 7.83 22.49
C PHE A 297 6.50 8.51 23.82
N PRO A 298 5.81 9.68 23.78
CA PRO A 298 5.32 10.31 25.04
C PRO A 298 4.27 9.46 25.80
N GLN A 299 3.83 9.97 26.96
CA GLN A 299 2.85 9.28 27.81
C GLN A 299 1.44 9.84 27.64
N ILE A 300 0.48 8.99 27.24
CA ILE A 300 -0.89 9.39 26.91
C ILE A 300 -1.89 8.45 27.58
N LYS A 301 -2.98 9.00 28.12
CA LYS A 301 -4.00 8.21 28.84
C LYS A 301 -5.06 7.73 27.84
N ALA A 302 -5.72 6.64 28.23
CA ALA A 302 -6.73 6.05 27.38
C ALA A 302 -7.87 7.03 27.21
N HIS A 303 -8.34 7.22 25.98
CA HIS A 303 -9.68 7.76 25.80
C HIS A 303 -10.67 6.67 26.21
N PRO A 304 -11.66 7.03 27.03
CA PRO A 304 -12.60 5.98 27.41
C PRO A 304 -13.39 5.49 26.18
N TRP A 305 -13.61 4.18 26.09
CA TRP A 305 -14.29 3.59 24.92
C TRP A 305 -15.65 4.21 24.52
N THR A 306 -16.44 4.69 25.49
CA THR A 306 -17.75 5.30 25.21
C THR A 306 -17.65 6.65 24.51
N LYS A 307 -16.60 7.41 24.78
CA LYS A 307 -16.32 8.68 24.07
C LYS A 307 -15.83 8.52 22.61
N VAL A 308 -15.36 7.33 22.24
CA VAL A 308 -14.78 7.08 20.91
C VAL A 308 -15.84 7.06 19.79
N PHE A 309 -17.01 6.47 20.08
CA PHE A 309 -18.10 6.28 19.09
C PHE A 309 -19.27 7.26 19.20
N ARG A 310 -19.97 7.51 18.09
CA ARG A 310 -21.20 8.35 18.07
C ARG A 310 -22.09 8.08 19.32
N PRO A 311 -22.74 9.12 19.90
CA PRO A 311 -23.41 8.86 21.22
C PRO A 311 -24.57 7.84 21.31
N ARG A 312 -25.34 7.61 20.24
CA ARG A 312 -26.38 6.56 20.26
C ARG A 312 -25.86 5.16 19.77
N THR A 313 -24.58 4.85 20.09
CA THR A 313 -23.93 3.58 19.73
C THR A 313 -24.23 2.50 20.80
N PRO A 314 -24.65 1.30 20.39
CA PRO A 314 -25.11 0.34 21.42
C PRO A 314 -24.03 -0.08 22.40
N PRO A 315 -24.32 -0.05 23.69
CA PRO A 315 -23.24 -0.48 24.59
C PRO A 315 -22.54 -1.81 24.23
N GLU A 316 -23.29 -2.73 23.65
CA GLU A 316 -22.81 -4.07 23.45
C GLU A 316 -21.75 -4.07 22.31
N ALA A 317 -21.85 -3.14 21.36
CA ALA A 317 -20.82 -3.00 20.35
C ALA A 317 -19.51 -2.47 20.93
N ILE A 318 -19.62 -1.41 21.73
CA ILE A 318 -18.47 -0.88 22.49
C ILE A 318 -17.82 -1.93 23.37
N ALA A 319 -18.61 -2.69 24.10
CA ALA A 319 -18.06 -3.76 24.92
C ALA A 319 -17.32 -4.81 24.08
N LEU A 320 -17.90 -5.15 22.93
CA LEU A 320 -17.28 -6.12 22.02
C LEU A 320 -15.95 -5.58 21.52
N CYS A 321 -16.03 -4.39 20.96
CA CYS A 321 -14.86 -3.72 20.44
C CYS A 321 -13.70 -3.73 21.43
N SER A 322 -14.00 -3.42 22.69
CA SER A 322 -12.98 -3.30 23.72
C SER A 322 -12.28 -4.60 24.09
N ARG A 323 -12.96 -5.73 23.94
CA ARG A 323 -12.30 -7.01 24.09
C ARG A 323 -11.55 -7.49 22.81
N LEU A 324 -11.62 -6.72 21.73
CA LEU A 324 -10.98 -7.07 20.48
C LEU A 324 -9.73 -6.22 20.32
N LEU A 325 -9.83 -4.94 20.67
CA LEU A 325 -8.71 -4.01 20.56
C LEU A 325 -8.04 -3.80 21.93
N GLU A 326 -7.43 -4.91 22.36
CA GLU A 326 -6.61 -5.00 23.56
C GLU A 326 -5.14 -5.11 23.14
N TYR A 327 -4.23 -4.47 23.86
CA TYR A 327 -2.77 -4.66 23.62
C TYR A 327 -2.35 -6.10 23.88
N THR A 328 -2.79 -6.65 24.99
CA THR A 328 -2.21 -7.92 25.36
C THR A 328 -2.89 -8.99 24.47
N PRO A 329 -2.11 -9.65 23.57
CA PRO A 329 -2.77 -10.51 22.55
C PRO A 329 -3.66 -11.60 23.08
N THR A 330 -3.25 -12.16 24.22
CA THR A 330 -4.01 -13.26 24.85
C THR A 330 -5.25 -12.76 25.57
N ALA A 331 -5.38 -11.44 25.75
CA ALA A 331 -6.60 -10.85 26.34
C ALA A 331 -7.75 -10.69 25.33
N ARG A 332 -7.43 -10.73 24.04
CA ARG A 332 -8.45 -10.62 23.02
C ARG A 332 -9.35 -11.85 23.02
N LEU A 333 -10.64 -11.63 22.74
CA LEU A 333 -11.58 -12.75 22.52
C LEU A 333 -11.15 -13.65 21.36
N THR A 334 -11.50 -14.93 21.42
CA THR A 334 -11.37 -15.84 20.29
C THR A 334 -12.55 -15.62 19.38
N PRO A 335 -12.43 -16.07 18.12
CA PRO A 335 -13.54 -15.77 17.24
C PRO A 335 -14.87 -16.43 17.67
N LEU A 336 -14.83 -17.65 18.19
CA LEU A 336 -16.06 -18.27 18.68
C LEU A 336 -16.64 -17.51 19.85
N GLU A 337 -15.82 -17.12 20.84
CA GLU A 337 -16.30 -16.28 21.98
C GLU A 337 -16.97 -15.01 21.47
N ALA A 338 -16.41 -14.41 20.41
CA ALA A 338 -16.95 -13.19 19.83
C ALA A 338 -18.31 -13.47 19.18
N CYS A 339 -18.46 -14.58 18.47
CA CYS A 339 -19.78 -15.01 17.97
C CYS A 339 -20.77 -15.16 19.08
N ALA A 340 -20.35 -15.68 20.22
CA ALA A 340 -21.22 -15.86 21.37
C ALA A 340 -21.53 -14.59 22.13
N HIS A 341 -20.98 -13.45 21.73
CA HIS A 341 -21.18 -12.17 22.45
C HIS A 341 -22.60 -11.69 22.35
N SER A 342 -23.02 -10.91 23.33
CA SER A 342 -24.38 -10.48 23.47
C SER A 342 -24.85 -9.47 22.43
N PHE A 343 -23.92 -8.67 21.91
CA PHE A 343 -24.09 -7.85 20.67
C PHE A 343 -24.84 -8.58 19.53
N PHE A 344 -24.56 -9.86 19.35
CA PHE A 344 -25.15 -10.66 18.28
C PHE A 344 -26.42 -11.37 18.74
N ASP A 345 -27.01 -10.95 19.86
CA ASP A 345 -28.26 -11.62 20.37
C ASP A 345 -29.49 -11.40 19.45
N GLU A 346 -29.64 -10.20 18.88
CA GLU A 346 -30.70 -9.96 17.88
C GLU A 346 -30.67 -11.04 16.78
N LEU A 347 -29.48 -11.50 16.37
CA LEU A 347 -29.37 -12.54 15.32
C LEU A 347 -29.83 -13.95 15.81
N ARG A 348 -29.89 -14.18 17.11
CA ARG A 348 -30.44 -15.42 17.67
C ARG A 348 -31.96 -15.39 17.99
N ASP A 349 -32.60 -14.23 17.87
CA ASP A 349 -34.02 -14.13 17.93
C ASP A 349 -34.62 -14.98 16.79
N PRO A 350 -35.72 -15.72 17.07
CA PRO A 350 -36.34 -16.60 16.05
C PRO A 350 -37.08 -15.85 14.94
N ASN A 351 -37.50 -14.60 15.21
CA ASN A 351 -38.23 -13.75 14.27
C ASN A 351 -37.35 -12.80 13.47
N VAL A 352 -36.03 -12.86 13.67
CA VAL A 352 -35.14 -11.90 13.04
C VAL A 352 -35.25 -12.04 11.52
N LYS A 353 -35.23 -10.89 10.85
CA LYS A 353 -35.42 -10.80 9.43
C LYS A 353 -34.50 -9.75 8.85
N LEU A 354 -34.01 -9.97 7.63
CA LEU A 354 -33.30 -8.89 6.95
C LEU A 354 -34.26 -7.69 6.77
N PRO A 355 -33.70 -6.49 6.64
CA PRO A 355 -34.55 -5.35 6.34
C PRO A 355 -35.32 -5.42 5.00
N ASN A 356 -34.83 -6.16 4.02
CA ASN A 356 -35.65 -6.41 2.81
C ASN A 356 -36.76 -7.47 3.01
N GLY A 357 -37.09 -7.82 4.24
CA GLY A 357 -38.13 -8.82 4.47
C GLY A 357 -37.72 -10.26 4.39
N ARG A 358 -36.59 -10.59 3.73
CA ARG A 358 -36.17 -12.02 3.59
C ARG A 358 -35.67 -12.60 4.90
N ASP A 359 -35.40 -13.89 4.91
CA ASP A 359 -34.77 -14.51 6.06
C ASP A 359 -33.27 -14.17 6.11
N THR A 360 -32.72 -14.34 7.30
CA THR A 360 -31.28 -14.31 7.48
C THR A 360 -30.67 -15.50 6.77
N PRO A 361 -29.40 -15.37 6.35
CA PRO A 361 -28.64 -16.55 5.94
C PRO A 361 -28.37 -17.50 7.10
N ALA A 362 -27.67 -18.58 6.82
CA ALA A 362 -27.40 -19.59 7.82
C ALA A 362 -26.44 -19.01 8.83
N LEU A 363 -26.82 -19.06 10.10
CA LEU A 363 -25.97 -18.50 11.14
C LEU A 363 -25.55 -19.51 12.19
N PHE A 364 -26.28 -20.62 12.27
CA PHE A 364 -26.22 -21.60 13.38
C PHE A 364 -25.81 -23.01 13.00
N ASN A 365 -25.62 -23.31 11.72
CA ASN A 365 -25.26 -24.67 11.33
C ASN A 365 -23.78 -24.97 11.65
N PHE A 366 -23.38 -24.98 12.93
CA PHE A 366 -21.95 -25.14 13.29
C PHE A 366 -21.49 -26.58 13.12
N THR A 367 -20.29 -26.79 12.61
CA THR A 367 -19.67 -28.13 12.62
C THR A 367 -18.80 -28.32 13.87
N THR A 368 -18.59 -29.59 14.20
CA THR A 368 -17.65 -30.00 15.22
C THR A 368 -16.25 -29.38 15.04
N GLN A 369 -15.72 -29.37 13.81
CA GLN A 369 -14.51 -28.59 13.44
C GLN A 369 -14.57 -27.17 14.00
N GLU A 370 -15.64 -26.48 13.63
CA GLU A 370 -15.87 -25.08 13.92
C GLU A 370 -16.00 -24.80 15.44
N LEU A 371 -16.54 -25.78 16.18
CA LEU A 371 -16.75 -25.65 17.61
C LEU A 371 -15.60 -26.16 18.49
N SER A 372 -14.57 -26.74 17.87
CA SER A 372 -13.61 -27.58 18.60
C SER A 372 -12.80 -26.87 19.68
N SER A 373 -12.50 -25.58 19.49
CA SER A 373 -11.80 -24.76 20.50
C SER A 373 -12.57 -24.53 21.86
N ASN A 374 -13.91 -24.51 21.82
CA ASN A 374 -14.71 -24.38 23.04
C ASN A 374 -16.14 -24.90 22.86
N PRO A 375 -16.33 -26.25 22.85
CA PRO A 375 -17.65 -26.90 22.55
C PRO A 375 -18.89 -26.48 23.37
N PRO A 376 -18.79 -26.25 24.68
CA PRO A 376 -19.90 -25.71 25.50
C PRO A 376 -20.51 -24.41 25.01
N LEU A 377 -19.79 -23.62 24.21
CA LEU A 377 -20.38 -22.41 23.66
C LEU A 377 -21.61 -22.63 22.79
N ALA A 378 -21.78 -23.84 22.29
CA ALA A 378 -22.99 -24.25 21.53
C ALA A 378 -24.31 -23.90 22.24
N THR A 379 -24.33 -23.92 23.57
CA THR A 379 -25.53 -23.52 24.35
C THR A 379 -25.94 -22.09 24.05
N ILE A 380 -24.97 -21.21 23.84
CA ILE A 380 -25.28 -19.84 23.43
C ILE A 380 -25.46 -19.73 21.90
N LEU A 381 -24.56 -20.41 21.19
CA LEU A 381 -24.42 -20.23 19.75
C LEU A 381 -25.58 -20.80 18.96
N ILE A 382 -25.96 -22.05 19.26
CA ILE A 382 -27.09 -22.69 18.59
C ILE A 382 -28.29 -22.48 19.50
N PRO A 383 -29.18 -21.55 19.15
CA PRO A 383 -30.27 -21.27 20.08
C PRO A 383 -31.37 -22.34 19.98
N PRO A 384 -32.21 -22.51 21.05
CA PRO A 384 -33.39 -23.42 21.06
C PRO A 384 -34.12 -23.64 19.71
N HIS A 385 -34.52 -22.56 19.04
CA HIS A 385 -35.25 -22.71 17.78
C HIS A 385 -34.53 -23.48 16.62
N ALA A 386 -33.24 -23.77 16.73
CA ALA A 386 -32.59 -24.82 15.93
C ALA A 386 -32.29 -26.01 16.86
N LYS B 40 23.93 6.20 25.29
CA LYS B 40 24.33 4.90 24.70
C LYS B 40 24.98 5.08 23.33
N VAL B 41 26.28 4.80 23.26
CA VAL B 41 27.05 5.03 22.04
C VAL B 41 27.23 3.68 21.35
N THR B 42 27.02 3.66 20.03
CA THR B 42 27.27 2.47 19.21
C THR B 42 28.40 2.81 18.26
N THR B 43 29.26 1.82 18.05
CA THR B 43 30.49 1.95 17.25
C THR B 43 30.54 0.80 16.29
N VAL B 44 30.78 1.12 15.04
CA VAL B 44 30.79 0.11 14.00
C VAL B 44 31.87 0.47 13.00
N VAL B 45 32.28 -0.54 12.25
CA VAL B 45 33.16 -0.35 11.14
C VAL B 45 32.37 -0.26 9.86
N ALA B 46 32.55 0.86 9.13
CA ALA B 46 31.71 1.28 8.03
C ALA B 46 32.50 1.80 6.83
N THR B 47 32.22 1.30 5.66
CA THR B 47 32.74 1.91 4.46
C THR B 47 31.95 3.18 4.12
N PRO B 48 32.60 4.25 3.64
CA PRO B 48 31.81 5.42 3.21
C PRO B 48 31.13 5.20 1.85
N GLY B 49 30.05 5.94 1.56
CA GLY B 49 29.25 5.67 0.35
C GLY B 49 29.91 6.10 -0.95
N GLN B 50 30.59 7.25 -0.90
CA GLN B 50 31.34 7.82 -2.00
C GLN B 50 32.83 7.84 -1.59
N GLY B 51 33.53 6.76 -1.87
CA GLY B 51 34.97 6.79 -1.72
C GLY B 51 35.64 5.59 -2.33
N PRO B 52 36.88 5.34 -1.91
CA PRO B 52 37.43 4.00 -2.02
C PRO B 52 37.06 3.23 -0.74
N ASP B 53 37.07 1.89 -0.80
CA ASP B 53 36.89 1.04 0.39
C ASP B 53 37.94 1.32 1.45
N ARG B 54 37.64 2.28 2.32
CA ARG B 54 38.47 2.59 3.46
C ARG B 54 37.51 2.51 4.66
N PRO B 55 37.18 1.26 5.13
CA PRO B 55 36.36 1.10 6.35
C PRO B 55 36.97 1.77 7.56
N GLN B 56 36.19 2.56 8.27
CA GLN B 56 36.62 3.30 9.45
C GLN B 56 35.62 3.10 10.57
N GLU B 57 36.08 3.12 11.81
CA GLU B 57 35.21 3.15 12.97
C GLU B 57 34.28 4.37 12.82
N VAL B 58 32.99 4.19 13.06
CA VAL B 58 32.03 5.29 13.09
C VAL B 58 31.17 5.12 14.34
N SER B 59 30.92 6.23 15.04
CA SER B 59 30.13 6.16 16.25
C SER B 59 28.86 6.98 16.16
N TYR B 60 27.75 6.38 16.62
CA TYR B 60 26.43 7.07 16.58
C TYR B 60 25.68 6.89 17.90
N THR B 61 24.80 7.84 18.19
CA THR B 61 23.94 7.75 19.36
C THR B 61 22.47 8.28 19.13
N ASP B 62 21.60 8.11 20.14
CA ASP B 62 20.19 8.65 20.14
C ASP B 62 19.28 7.89 19.16
N THR B 63 19.34 6.59 19.23
CA THR B 63 18.73 5.77 18.23
C THR B 63 17.25 5.57 18.53
N LYS B 64 16.45 5.54 17.48
CA LYS B 64 15.03 5.32 17.62
C LYS B 64 14.45 4.90 16.29
N VAL B 65 13.43 4.06 16.35
CA VAL B 65 12.70 3.65 15.18
C VAL B 65 11.89 4.84 14.67
N ILE B 66 11.89 5.01 13.34
CA ILE B 66 11.04 5.98 12.61
C ILE B 66 10.33 5.38 11.38
N GLY B 67 10.56 4.10 11.11
CA GLY B 67 10.29 3.54 9.81
C GLY B 67 10.29 2.04 9.83
N ASN B 68 9.60 1.47 8.85
CA ASN B 68 9.11 0.10 8.88
C ASN B 68 9.04 -0.36 7.44
N GLY B 69 9.27 -1.63 7.14
CA GLY B 69 8.99 -2.11 5.77
C GLY B 69 9.24 -3.57 5.69
N SER B 70 9.13 -4.17 4.51
CA SER B 70 9.29 -5.63 4.45
C SER B 70 10.79 -5.98 4.42
N PHE B 71 11.59 -5.06 3.88
CA PHE B 71 13.05 -5.05 4.02
C PHE B 71 13.56 -5.15 5.46
N GLY B 72 12.86 -4.48 6.39
CA GLY B 72 13.26 -4.37 7.81
C GLY B 72 12.76 -3.05 8.38
N VAL B 73 13.67 -2.26 8.96
CA VAL B 73 13.39 -1.10 9.87
C VAL B 73 14.24 0.13 9.53
N VAL B 74 13.80 1.33 9.89
CA VAL B 74 14.57 2.55 9.69
C VAL B 74 14.75 3.26 11.02
N TYR B 75 15.95 3.81 11.26
CA TYR B 75 16.24 4.46 12.52
C TYR B 75 16.66 5.86 12.29
N GLN B 76 16.47 6.70 13.29
CA GLN B 76 17.14 7.99 13.30
C GLN B 76 18.26 7.90 14.30
N ALA B 77 19.33 8.62 14.04
CA ALA B 77 20.52 8.58 14.85
C ALA B 77 21.29 9.87 14.67
N LYS B 78 22.20 10.11 15.61
CA LYS B 78 23.10 11.23 15.64
C LYS B 78 24.52 10.69 15.61
N LEU B 79 25.36 11.22 14.72
CA LEU B 79 26.80 10.83 14.62
C LEU B 79 27.56 11.52 15.72
N CYS B 80 28.26 10.75 16.54
CA CYS B 80 29.01 11.32 17.68
C CYS B 80 30.00 12.44 17.35
N ASP B 81 30.76 12.31 16.28
CA ASP B 81 31.80 13.32 16.01
C ASP B 81 31.20 14.68 15.63
N SER B 82 30.32 14.70 14.63
CA SER B 82 29.84 15.93 14.00
C SER B 82 28.53 16.46 14.57
N GLY B 83 27.85 15.66 15.38
CA GLY B 83 26.48 15.98 15.82
C GLY B 83 25.34 15.71 14.82
N GLU B 84 25.67 15.50 13.54
CA GLU B 84 24.66 15.42 12.46
C GLU B 84 23.77 14.20 12.57
N LEU B 85 22.57 14.42 12.07
CA LEU B 85 21.49 13.47 12.18
C LEU B 85 21.43 12.64 10.89
N VAL B 86 21.10 11.38 11.06
CA VAL B 86 21.09 10.45 9.99
C VAL B 86 19.96 9.47 10.13
N ALA B 87 19.56 8.93 8.99
CA ALA B 87 18.65 7.82 8.97
C ALA B 87 19.46 6.60 8.72
N ILE B 88 19.10 5.49 9.33
CA ILE B 88 19.75 4.23 9.03
C ILE B 88 18.72 3.21 8.62
N LYS B 89 18.75 2.82 7.36
CA LYS B 89 17.97 1.73 6.86
C LYS B 89 18.62 0.35 7.02
N LYS B 90 18.02 -0.49 7.88
CA LYS B 90 18.51 -1.79 8.22
C LYS B 90 17.75 -2.86 7.42
N VAL B 91 18.45 -3.53 6.50
CA VAL B 91 17.88 -4.47 5.54
C VAL B 91 18.46 -5.85 5.77
N LEU B 92 17.63 -6.88 5.86
CA LEU B 92 18.12 -8.27 5.89
C LEU B 92 18.77 -8.60 4.54
N GLN B 93 20.06 -9.01 4.52
CA GLN B 93 20.78 -9.26 3.27
C GLN B 93 21.01 -10.76 3.04
N ASP B 94 21.01 -11.15 1.75
CA ASP B 94 20.96 -12.55 1.29
C ASP B 94 22.29 -13.34 1.14
N LYS B 95 23.46 -12.65 1.06
CA LYS B 95 24.78 -13.18 0.50
C LYS B 95 24.66 -13.67 -0.94
N ARG B 96 23.74 -14.64 -1.12
CA ARG B 96 23.14 -15.06 -2.41
C ARG B 96 22.89 -13.98 -3.48
N PHE B 97 23.01 -12.69 -3.13
CA PHE B 97 23.44 -11.66 -4.09
C PHE B 97 23.87 -10.28 -3.49
N LYS B 98 24.29 -9.39 -4.41
CA LYS B 98 24.36 -7.95 -4.22
C LYS B 98 23.02 -7.43 -3.69
N ASN B 99 23.06 -6.23 -3.12
CA ASN B 99 21.92 -5.46 -2.80
C ASN B 99 21.95 -4.40 -3.87
N ARG B 100 20.88 -4.34 -4.64
CA ARG B 100 20.70 -3.38 -5.75
C ARG B 100 20.60 -1.94 -5.27
N GLU B 101 19.89 -1.71 -4.18
CA GLU B 101 19.77 -0.34 -3.68
C GLU B 101 21.18 0.16 -3.36
N LEU B 102 21.96 -0.67 -2.68
CA LEU B 102 23.36 -0.33 -2.45
C LEU B 102 24.19 -0.01 -3.71
N GLN B 103 24.17 -0.85 -4.75
CA GLN B 103 24.97 -0.56 -5.99
C GLN B 103 24.53 0.76 -6.58
N ILE B 104 23.22 1.00 -6.57
CA ILE B 104 22.72 2.27 -7.06
C ILE B 104 23.15 3.43 -6.20
N MET B 105 22.95 3.35 -4.88
CA MET B 105 23.32 4.46 -3.99
C MET B 105 24.80 4.84 -4.09
N ARG B 106 25.71 3.87 -4.20
CA ARG B 106 27.15 4.19 -4.30
C ARG B 106 27.54 4.92 -5.57
N LYS B 107 26.83 4.73 -6.68
CA LYS B 107 27.08 5.53 -7.87
C LYS B 107 26.64 6.98 -7.82
N LEU B 108 25.80 7.40 -6.85
CA LEU B 108 25.10 8.72 -6.98
C LEU B 108 25.63 9.81 -6.10
N ASP B 109 25.75 11.03 -6.64
CA ASP B 109 26.28 12.16 -5.89
C ASP B 109 25.76 13.45 -6.52
N HIS B 110 24.85 14.08 -5.81
CA HIS B 110 24.01 15.11 -6.39
C HIS B 110 23.21 15.79 -5.29
N CYS B 111 23.02 17.08 -5.44
CA CYS B 111 22.51 17.92 -4.33
C CYS B 111 20.99 17.72 -4.11
N ASN B 112 20.33 17.13 -5.09
CA ASN B 112 18.93 16.77 -5.02
C ASN B 112 18.69 15.25 -4.86
N ILE B 113 19.71 14.51 -4.44
CA ILE B 113 19.56 13.11 -4.06
C ILE B 113 20.07 12.89 -2.63
N VAL B 114 19.35 12.12 -1.84
CA VAL B 114 19.77 11.85 -0.46
C VAL B 114 21.13 11.15 -0.51
N ARG B 115 22.08 11.62 0.30
CA ARG B 115 23.42 11.08 0.30
C ARG B 115 23.49 9.80 1.13
N LEU B 116 24.10 8.76 0.56
CA LEU B 116 24.54 7.65 1.34
C LEU B 116 25.89 8.02 1.99
N ARG B 117 25.95 8.02 3.32
CA ARG B 117 27.11 8.52 4.07
C ARG B 117 28.07 7.41 4.27
N TYR B 118 27.54 6.29 4.79
CA TYR B 118 28.27 5.06 5.12
C TYR B 118 27.30 3.88 4.92
N PHE B 119 27.87 2.68 4.97
CA PHE B 119 27.08 1.47 5.11
C PHE B 119 27.86 0.49 5.85
N PHE B 120 27.16 -0.41 6.50
CA PHE B 120 27.85 -1.40 7.34
C PHE B 120 27.00 -2.63 7.56
N TYR B 121 27.63 -3.69 8.05
CA TYR B 121 26.98 -4.94 8.25
C TYR B 121 26.83 -5.17 9.73
N SER B 122 25.79 -5.89 10.11
CA SER B 122 25.44 -6.12 11.51
C SER B 122 24.65 -7.39 11.67
N SER B 123 24.37 -7.73 12.92
CA SER B 123 23.46 -8.82 13.25
C SER B 123 22.37 -8.30 14.17
N GLU B 129 20.32 -13.71 9.04
CA GLU B 129 21.61 -13.75 9.72
C GLU B 129 22.32 -12.37 9.65
N VAL B 130 22.67 -11.91 8.44
CA VAL B 130 23.39 -10.63 8.23
C VAL B 130 22.50 -9.47 7.69
N TYR B 131 22.54 -8.30 8.36
CA TYR B 131 21.80 -7.12 7.93
C TYR B 131 22.74 -6.08 7.33
N LEU B 132 22.26 -5.38 6.31
CA LEU B 132 23.00 -4.30 5.72
C LEU B 132 22.37 -3.09 6.32
N ASN B 133 23.13 -2.01 6.47
CA ASN B 133 22.67 -0.85 7.15
C ASN B 133 23.13 0.26 6.30
N LEU B 134 22.21 1.02 5.76
CA LEU B 134 22.55 2.16 4.93
C LEU B 134 22.42 3.40 5.78
N VAL B 135 23.47 4.18 5.87
CA VAL B 135 23.50 5.33 6.71
C VAL B 135 23.27 6.49 5.79
N LEU B 136 22.14 7.18 5.96
CA LEU B 136 21.69 8.20 4.98
C LEU B 136 21.53 9.54 5.65
N ASP B 137 21.64 10.65 4.93
CA ASP B 137 21.27 11.96 5.53
C ASP B 137 19.83 11.91 6.03
N TYR B 138 19.55 12.68 7.08
CA TYR B 138 18.23 12.82 7.60
C TYR B 138 17.69 14.18 7.35
N VAL B 139 16.48 14.26 6.79
CA VAL B 139 15.78 15.51 6.54
C VAL B 139 14.40 15.29 7.16
N PRO B 140 13.93 16.27 7.94
CA PRO B 140 12.81 15.90 8.82
C PRO B 140 11.41 15.95 8.14
N GLU B 141 11.29 16.62 6.99
CA GLU B 141 10.03 16.79 6.28
C GLU B 141 10.09 16.23 4.89
N THR B 142 8.91 16.04 4.32
CA THR B 142 8.72 15.61 2.94
C THR B 142 7.68 16.49 2.27
N VAL B 143 7.60 16.38 0.95
CA VAL B 143 6.67 17.20 0.22
C VAL B 143 5.25 16.79 0.60
N TYR B 144 5.03 15.52 0.84
CA TYR B 144 3.71 15.05 1.22
C TYR B 144 3.28 15.67 2.53
N ARG B 145 4.15 15.65 3.54
CA ARG B 145 3.82 16.27 4.83
C ARG B 145 3.52 17.77 4.72
N VAL B 146 4.29 18.45 3.91
CA VAL B 146 4.10 19.87 3.74
C VAL B 146 2.83 20.15 2.99
N ALA B 147 2.63 19.50 1.87
CA ALA B 147 1.40 19.69 1.08
C ALA B 147 0.11 19.35 1.87
N ARG B 148 0.20 18.43 2.83
CA ARG B 148 -0.93 17.98 3.56
C ARG B 148 -1.34 19.04 4.61
N HIS B 149 -0.39 19.71 5.20
CA HIS B 149 -0.71 20.85 6.05
C HIS B 149 -1.60 21.80 5.27
N TYR B 150 -1.22 22.13 4.04
CA TYR B 150 -2.09 23.03 3.21
C TYR B 150 -3.46 22.47 2.91
N SER B 151 -3.48 21.25 2.42
CA SER B 151 -4.71 20.59 2.01
C SER B 151 -5.74 20.47 3.16
N ARG B 152 -5.29 20.03 4.34
CA ARG B 152 -6.14 19.97 5.55
C ARG B 152 -6.71 21.34 5.98
N ALA B 153 -6.01 22.42 5.63
CA ALA B 153 -6.52 23.78 5.80
C ALA B 153 -7.30 24.33 4.58
N LYS B 154 -7.78 23.48 3.68
CA LYS B 154 -8.45 23.94 2.44
C LYS B 154 -7.57 24.79 1.44
N GLN B 155 -6.45 25.35 1.93
CA GLN B 155 -5.42 26.14 1.17
C GLN B 155 -4.66 25.34 0.08
N THR B 156 -3.88 26.06 -0.71
CA THR B 156 -3.00 25.38 -1.66
C THR B 156 -1.58 25.96 -1.66
N LEU B 157 -0.61 25.09 -1.78
CA LEU B 157 0.77 25.49 -1.76
C LEU B 157 1.02 26.63 -2.76
N PRO B 158 1.65 27.72 -2.33
CA PRO B 158 1.92 28.76 -3.31
C PRO B 158 2.76 28.27 -4.48
N VAL B 159 2.42 28.78 -5.65
CA VAL B 159 3.01 28.41 -6.94
C VAL B 159 4.54 28.50 -6.95
N ILE B 160 5.13 29.46 -6.24
CA ILE B 160 6.61 29.55 -6.20
C ILE B 160 7.26 28.29 -5.58
N TYR B 161 6.60 27.67 -4.60
CA TYR B 161 7.17 26.47 -3.98
C TYR B 161 7.00 25.27 -4.91
N VAL B 162 5.84 25.21 -5.54
CA VAL B 162 5.55 24.30 -6.63
C VAL B 162 6.64 24.38 -7.64
N LYS B 163 6.99 25.59 -8.08
CA LYS B 163 8.08 25.73 -9.06
C LYS B 163 9.42 25.18 -8.58
N LEU B 164 9.82 25.61 -7.38
CA LEU B 164 11.04 25.13 -6.73
C LEU B 164 11.11 23.63 -6.52
N TYR B 165 10.04 23.03 -6.03
CA TYR B 165 10.06 21.61 -5.76
C TYR B 165 10.07 20.80 -7.05
N MET B 166 9.14 21.09 -7.95
CA MET B 166 9.12 20.42 -9.24
C MET B 166 10.43 20.51 -10.00
N TYR B 167 11.04 21.70 -10.00
CA TYR B 167 12.28 21.90 -10.76
C TYR B 167 13.36 20.99 -10.25
N GLN B 168 13.51 20.93 -8.96
CA GLN B 168 14.53 20.11 -8.37
C GLN B 168 14.24 18.60 -8.56
N LEU B 169 12.97 18.21 -8.58
CA LEU B 169 12.69 16.79 -8.78
C LEU B 169 13.10 16.47 -10.19
N PHE B 170 12.82 17.37 -11.14
CA PHE B 170 13.25 17.13 -12.53
C PHE B 170 14.75 17.05 -12.68
N ARG B 171 15.52 17.87 -11.95
CA ARG B 171 17.00 17.71 -11.99
C ARG B 171 17.43 16.36 -11.49
N SER B 172 16.91 15.95 -10.34
CA SER B 172 17.26 14.63 -9.82
C SER B 172 16.97 13.51 -10.84
N LEU B 173 15.85 13.58 -11.53
CA LEU B 173 15.50 12.58 -12.52
C LEU B 173 16.45 12.58 -13.75
N ALA B 174 16.81 13.74 -14.28
CA ALA B 174 17.82 13.84 -15.35
C ALA B 174 19.14 13.18 -14.96
N TYR B 175 19.54 13.39 -13.72
CA TYR B 175 20.76 12.80 -13.23
C TYR B 175 20.68 11.30 -13.14
N ILE B 176 19.65 10.74 -12.50
CA ILE B 176 19.61 9.28 -12.39
C ILE B 176 19.34 8.68 -13.79
N HIS B 177 18.48 9.31 -14.60
CA HIS B 177 18.22 8.80 -15.95
C HIS B 177 19.48 8.80 -16.81
N SER B 178 20.41 9.71 -16.56
CA SER B 178 21.70 9.70 -17.31
C SER B 178 22.62 8.45 -17.04
N PHE B 179 22.45 7.77 -15.93
CA PHE B 179 23.02 6.43 -15.71
C PHE B 179 22.15 5.26 -16.20
N GLY B 180 21.02 5.54 -16.85
CA GLY B 180 20.02 4.52 -17.12
C GLY B 180 19.22 4.02 -15.90
N ILE B 181 19.29 4.69 -14.75
CA ILE B 181 18.54 4.23 -13.59
C ILE B 181 17.12 4.82 -13.57
N CYS B 182 16.13 3.97 -13.34
CA CYS B 182 14.79 4.43 -13.19
C CYS B 182 14.38 4.23 -11.74
N HIS B 183 13.81 5.25 -11.14
CA HIS B 183 13.54 5.25 -9.69
C HIS B 183 12.40 4.28 -9.40
N ARG B 184 11.33 4.41 -10.19
CA ARG B 184 10.13 3.55 -10.11
C ARG B 184 9.24 3.74 -8.90
N ASP B 185 9.45 4.76 -8.12
CA ASP B 185 8.58 5.06 -7.01
C ASP B 185 8.51 6.59 -6.69
N ILE B 186 8.51 7.44 -7.73
CA ILE B 186 8.33 8.86 -7.53
C ILE B 186 6.94 9.07 -6.94
N LYS B 187 6.93 9.58 -5.73
CA LYS B 187 5.72 10.02 -5.03
C LYS B 187 6.15 11.07 -3.97
N PRO B 188 5.23 11.92 -3.55
CA PRO B 188 5.58 13.00 -2.63
C PRO B 188 6.15 12.56 -1.28
N GLN B 189 5.78 11.37 -0.84
CA GLN B 189 6.30 10.80 0.39
C GLN B 189 7.81 10.42 0.26
N ASN B 190 8.36 10.36 -0.95
CA ASN B 190 9.76 10.05 -1.21
C ASN B 190 10.50 11.29 -1.65
N LEU B 191 9.94 12.46 -1.41
CA LEU B 191 10.61 13.71 -1.67
C LEU B 191 10.91 14.45 -0.35
N LEU B 192 12.17 14.38 0.09
CA LEU B 192 12.67 15.00 1.32
C LEU B 192 12.78 16.51 1.10
N LEU B 193 12.48 17.27 2.14
CA LEU B 193 12.37 18.71 2.01
C LEU B 193 12.85 19.39 3.26
N ASP B 194 13.88 20.23 3.15
CA ASP B 194 14.14 21.22 4.20
C ASP B 194 13.33 22.52 3.94
N PRO B 195 12.39 22.82 4.82
CA PRO B 195 11.53 23.96 4.46
C PRO B 195 12.09 25.40 4.75
N ASP B 196 13.31 25.53 5.29
CA ASP B 196 13.97 26.87 5.39
C ASP B 196 14.80 27.18 4.13
N THR B 197 15.55 26.19 3.65
CA THR B 197 16.35 26.29 2.39
C THR B 197 15.55 26.00 1.10
N ALA B 198 14.40 25.37 1.24
CA ALA B 198 13.63 24.82 0.09
C ALA B 198 14.41 23.83 -0.79
N VAL B 199 15.36 23.11 -0.23
CA VAL B 199 16.10 22.08 -0.96
C VAL B 199 15.31 20.78 -0.85
N LEU B 200 15.10 20.18 -2.02
CA LEU B 200 14.41 18.91 -2.16
C LEU B 200 15.43 17.85 -2.49
N LYS B 201 15.30 16.68 -1.89
CA LYS B 201 16.14 15.51 -2.20
C LYS B 201 15.30 14.26 -2.46
N LEU B 202 15.56 13.61 -3.59
CA LEU B 202 14.96 12.34 -3.91
C LEU B 202 15.55 11.29 -3.00
N CYS B 203 14.68 10.49 -2.37
CA CYS B 203 15.13 9.38 -1.54
CA CYS B 203 15.03 9.43 -1.46
C CYS B 203 14.33 8.14 -1.89
N ASP B 204 14.55 7.07 -1.13
CA ASP B 204 13.97 5.76 -1.32
C ASP B 204 14.24 5.06 -2.71
N PHE B 205 15.45 4.51 -2.83
CA PHE B 205 15.84 3.84 -4.05
C PHE B 205 15.60 2.35 -4.00
N GLY B 206 14.72 1.87 -3.13
CA GLY B 206 14.43 0.42 -3.04
C GLY B 206 13.63 -0.19 -4.21
N SER B 207 12.97 0.61 -5.02
CA SER B 207 12.35 0.04 -6.22
C SER B 207 13.16 0.29 -7.45
N ALA B 208 14.31 0.95 -7.31
CA ALA B 208 14.99 1.59 -8.44
C ALA B 208 15.80 0.53 -9.17
N LYS B 209 16.01 0.74 -10.47
CA LYS B 209 16.65 -0.28 -11.30
C LYS B 209 17.16 0.28 -12.58
N GLN B 210 18.27 -0.29 -13.05
CA GLN B 210 18.81 0.07 -14.32
C GLN B 210 18.09 -0.66 -15.42
N LEU B 211 17.47 0.08 -16.32
CA LEU B 211 16.71 -0.50 -17.41
C LEU B 211 17.62 -0.63 -18.61
N VAL B 212 17.57 -1.79 -19.22
CA VAL B 212 18.40 -2.12 -20.33
C VAL B 212 17.46 -2.55 -21.43
N ARG B 213 17.50 -1.87 -22.56
CA ARG B 213 16.80 -2.34 -23.77
C ARG B 213 16.80 -3.88 -23.89
N GLY B 214 15.60 -4.46 -24.05
CA GLY B 214 15.44 -5.90 -24.20
C GLY B 214 15.55 -6.77 -22.94
N GLU B 215 15.79 -6.20 -21.77
CA GLU B 215 15.62 -6.97 -20.53
C GLU B 215 14.22 -6.68 -20.03
N PRO B 216 13.40 -7.72 -19.79
CA PRO B 216 12.04 -7.35 -19.34
C PRO B 216 12.03 -6.88 -17.87
N ASN B 217 10.99 -6.14 -17.50
CA ASN B 217 10.85 -5.63 -16.15
C ASN B 217 9.48 -5.79 -15.63
N VAL B 218 9.33 -5.71 -14.33
CA VAL B 218 8.04 -6.03 -13.72
C VAL B 218 7.10 -4.82 -13.84
N SER B 219 5.83 -5.11 -14.06
CA SER B 219 4.90 -4.04 -14.45
C SER B 219 4.06 -3.47 -13.30
N PTR B 220 3.81 -4.25 -12.25
CA PTR B 220 3.17 -3.75 -11.04
C PTR B 220 4.25 -3.15 -10.15
O PTR B 220 4.81 -3.79 -9.28
CB PTR B 220 2.42 -4.90 -10.32
CG PTR B 220 1.49 -4.46 -9.19
CD1 PTR B 220 0.16 -4.03 -9.48
CD2 PTR B 220 1.91 -4.47 -7.86
CE1 PTR B 220 -0.76 -3.65 -8.48
CE2 PTR B 220 1.02 -4.07 -6.87
CZ PTR B 220 -0.31 -3.63 -7.16
OH PTR B 220 -1.18 -3.26 -6.12
P PTR B 220 -1.53 -1.72 -5.83
O1P PTR B 220 -2.15 -1.30 -7.13
O2P PTR B 220 -0.18 -1.12 -5.51
O3P PTR B 220 -2.47 -1.83 -4.64
N ILE B 221 4.62 -1.90 -10.45
CA ILE B 221 5.56 -1.12 -9.60
C ILE B 221 5.02 0.30 -9.71
N CYS B 222 5.69 1.17 -8.95
CA CYS B 222 5.25 2.53 -8.67
CA CYS B 222 5.25 2.53 -8.67
C CYS B 222 4.09 2.44 -7.72
N SER B 223 3.94 3.45 -6.87
CA SER B 223 2.70 3.59 -6.11
C SER B 223 1.55 3.92 -7.07
N ARG B 224 0.41 3.33 -6.74
CA ARG B 224 -0.77 3.31 -7.59
C ARG B 224 -1.17 4.63 -8.14
N TYR B 225 -1.31 5.64 -7.29
CA TYR B 225 -1.80 6.90 -7.79
C TYR B 225 -0.85 7.54 -8.82
N TYR B 226 0.43 7.19 -8.76
CA TYR B 226 1.47 7.82 -9.57
C TYR B 226 1.93 6.88 -10.73
N ARG B 227 1.18 5.80 -10.97
CA ARG B 227 1.58 4.70 -11.87
C ARG B 227 1.17 4.97 -13.33
N ALA B 228 2.14 4.96 -14.22
CA ALA B 228 1.94 5.27 -15.64
C ALA B 228 1.06 4.28 -16.32
N PRO B 229 0.32 4.71 -17.35
CA PRO B 229 -0.66 3.80 -17.94
C PRO B 229 -0.04 2.61 -18.67
N GLU B 230 1.17 2.72 -19.19
CA GLU B 230 1.82 1.55 -19.77
C GLU B 230 2.00 0.42 -18.76
N LEU B 231 2.29 0.74 -17.51
CA LEU B 231 2.40 -0.29 -16.44
C LEU B 231 1.07 -0.96 -16.10
N ILE B 232 -0.02 -0.19 -16.23
CA ILE B 232 -1.33 -0.72 -15.92
C ILE B 232 -1.76 -1.71 -17.00
N PHE B 233 -1.61 -1.31 -18.26
CA PHE B 233 -1.71 -2.21 -19.42
C PHE B 233 -0.72 -3.38 -19.41
N GLY B 234 0.17 -3.52 -18.44
CA GLY B 234 0.96 -4.74 -18.33
C GLY B 234 2.26 -4.74 -19.13
N ALA B 235 2.72 -3.59 -19.56
CA ALA B 235 4.04 -3.55 -20.25
C ALA B 235 5.22 -3.97 -19.37
N THR B 236 6.14 -4.70 -19.98
CA THR B 236 7.40 -5.09 -19.38
C THR B 236 8.59 -4.52 -20.16
N ASP B 237 8.35 -3.85 -21.31
CA ASP B 237 9.42 -3.15 -22.08
C ASP B 237 9.40 -1.59 -21.87
N TYR B 238 9.00 -1.16 -20.69
CA TYR B 238 8.88 0.30 -20.43
C TYR B 238 10.21 1.00 -20.22
N THR B 239 10.16 2.31 -20.31
CA THR B 239 11.37 3.11 -20.22
C THR B 239 11.39 3.91 -18.94
N SER B 240 12.42 4.72 -18.79
CA SER B 240 12.50 5.59 -17.62
C SER B 240 11.47 6.78 -17.71
N SER B 241 10.78 6.92 -18.83
CA SER B 241 9.68 7.88 -18.93
C SER B 241 8.50 7.54 -17.98
N ILE B 242 8.43 6.37 -17.39
CA ILE B 242 7.44 6.20 -16.32
C ILE B 242 7.60 7.21 -15.14
N ASP B 243 8.82 7.62 -14.86
CA ASP B 243 9.12 8.52 -13.73
C ASP B 243 8.64 9.91 -14.05
N VAL B 244 8.72 10.26 -15.34
CA VAL B 244 8.19 11.53 -15.84
C VAL B 244 6.65 11.56 -15.72
N TRP B 245 5.99 10.43 -15.94
CA TRP B 245 4.53 10.32 -15.69
C TRP B 245 4.32 10.65 -14.25
N SER B 246 5.03 9.96 -13.41
CA SER B 246 4.88 10.13 -11.96
C SER B 246 5.07 11.57 -11.49
N ALA B 247 6.18 12.16 -11.89
CA ALA B 247 6.47 13.59 -11.66
C ALA B 247 5.29 14.55 -12.04
N GLY B 248 4.74 14.38 -13.22
CA GLY B 248 3.54 15.09 -13.61
C GLY B 248 2.35 14.90 -12.71
N CYS B 249 2.20 13.70 -12.14
CA CYS B 249 1.16 13.37 -11.15
C CYS B 249 1.35 14.13 -9.83
N VAL B 250 2.62 14.28 -9.43
CA VAL B 250 3.00 15.02 -8.28
C VAL B 250 2.69 16.50 -8.56
N LEU B 251 3.05 17.00 -9.72
CA LEU B 251 2.78 18.40 -10.05
C LEU B 251 1.29 18.66 -10.00
N ALA B 252 0.49 17.81 -10.65
CA ALA B 252 -0.97 17.95 -10.61
C ALA B 252 -1.46 17.98 -9.18
N GLU B 253 -1.04 17.04 -8.35
CA GLU B 253 -1.39 17.01 -6.93
C GLU B 253 -1.06 18.31 -6.23
N LEU B 254 0.08 18.92 -6.56
CA LEU B 254 0.45 20.17 -5.90
C LEU B 254 -0.41 21.32 -6.31
N LEU B 255 -0.91 21.31 -7.53
CA LEU B 255 -1.88 22.30 -8.00
C LEU B 255 -3.33 22.07 -7.52
N LEU B 256 -3.74 20.83 -7.27
CA LEU B 256 -5.12 20.51 -6.90
C LEU B 256 -5.38 20.43 -5.43
N GLY B 257 -4.34 20.18 -4.63
CA GLY B 257 -4.49 19.92 -3.21
C GLY B 257 -4.82 18.46 -2.87
N GLN B 258 -4.96 17.62 -3.90
CA GLN B 258 -5.19 16.18 -3.75
C GLN B 258 -4.75 15.39 -5.03
N PRO B 259 -4.61 14.06 -4.93
CA PRO B 259 -4.23 13.33 -6.13
C PRO B 259 -5.14 13.51 -7.34
N ILE B 260 -4.57 13.69 -8.53
CA ILE B 260 -5.37 13.78 -9.77
C ILE B 260 -6.02 12.45 -10.20
N PHE B 261 -5.42 11.30 -9.89
CA PHE B 261 -6.00 10.01 -10.26
C PHE B 261 -6.06 9.00 -9.07
N PRO B 262 -7.02 9.17 -8.17
CA PRO B 262 -7.10 8.31 -6.99
C PRO B 262 -7.89 7.03 -7.29
N GLY B 263 -7.22 6.00 -7.80
CA GLY B 263 -7.89 4.80 -8.20
C GLY B 263 -8.07 3.87 -7.02
N ASP B 264 -9.18 3.17 -6.90
CA ASP B 264 -9.28 2.23 -5.77
C ASP B 264 -8.67 0.82 -6.04
N SER B 265 -8.07 0.63 -7.19
CA SER B 265 -7.23 -0.54 -7.45
C SER B 265 -6.38 -0.25 -8.68
N GLY B 266 -5.35 -1.10 -8.83
CA GLY B 266 -4.48 -1.13 -10.01
C GLY B 266 -5.15 -0.97 -11.36
N VAL B 267 -6.41 -1.39 -11.46
CA VAL B 267 -7.20 -1.31 -12.68
C VAL B 267 -8.21 -0.15 -12.66
N ASP B 268 -8.78 0.22 -11.50
CA ASP B 268 -9.63 1.47 -11.48
C ASP B 268 -8.74 2.74 -11.73
N GLN B 269 -7.46 2.61 -11.41
CA GLN B 269 -6.47 3.62 -11.72
C GLN B 269 -6.59 4.01 -13.20
N LEU B 270 -6.71 3.02 -14.07
CA LEU B 270 -6.91 3.29 -15.48
C LEU B 270 -8.22 4.04 -15.77
N VAL B 271 -9.28 3.64 -15.08
CA VAL B 271 -10.56 4.33 -15.23
C VAL B 271 -10.44 5.80 -14.91
N GLU B 272 -9.79 6.11 -13.77
CA GLU B 272 -9.57 7.51 -13.32
C GLU B 272 -8.75 8.38 -14.29
N ILE B 273 -7.69 7.80 -14.82
CA ILE B 273 -6.91 8.42 -15.90
C ILE B 273 -7.79 8.78 -17.10
N ILE B 274 -8.61 7.82 -17.50
CA ILE B 274 -9.50 7.98 -18.64
C ILE B 274 -10.53 9.11 -18.46
N LYS B 275 -11.00 9.33 -17.23
CA LYS B 275 -11.90 10.47 -16.95
C LYS B 275 -11.31 11.85 -17.28
N VAL B 276 -9.98 11.95 -17.37
CA VAL B 276 -9.31 13.20 -17.65
C VAL B 276 -8.67 13.21 -19.04
N LEU B 277 -7.91 12.17 -19.40
CA LEU B 277 -7.27 12.19 -20.70
C LEU B 277 -8.18 11.72 -21.82
N GLY B 278 -9.32 11.11 -21.48
CA GLY B 278 -10.10 10.37 -22.46
C GLY B 278 -9.55 8.98 -22.76
N THR B 279 -10.39 8.14 -23.37
CA THR B 279 -9.98 6.86 -23.93
C THR B 279 -8.74 7.01 -24.81
N PRO B 280 -7.75 6.13 -24.62
CA PRO B 280 -6.58 6.15 -25.48
C PRO B 280 -6.92 5.56 -26.83
N TPO B 281 -6.32 6.14 -27.87
CA TPO B 281 -6.56 5.71 -29.28
CB TPO B 281 -5.90 6.66 -30.33
CG2 TPO B 281 -6.32 8.14 -30.13
OG1 TPO B 281 -4.46 6.54 -30.32
C TPO B 281 -5.92 4.35 -29.49
O TPO B 281 -5.12 3.88 -28.68
N ARG B 282 -6.24 3.72 -30.61
CA ARG B 282 -5.67 2.39 -30.85
C ARG B 282 -4.13 2.51 -30.89
N GLU B 283 -3.62 3.61 -31.48
CA GLU B 283 -2.15 3.71 -31.68
C GLU B 283 -1.45 4.08 -30.36
N GLN B 284 -2.11 4.88 -29.51
CA GLN B 284 -1.62 5.04 -28.12
C GLN B 284 -1.56 3.71 -27.36
N ILE B 285 -2.63 2.95 -27.35
CA ILE B 285 -2.59 1.62 -26.74
C ILE B 285 -1.38 0.79 -27.17
N ARG B 286 -1.10 0.81 -28.47
CA ARG B 286 0.05 0.11 -29.02
C ARG B 286 1.38 0.69 -28.52
N GLU B 287 1.52 2.01 -28.53
CA GLU B 287 2.77 2.64 -28.09
C GLU B 287 3.05 2.29 -26.62
N MET B 288 2.00 2.10 -25.81
CA MET B 288 2.13 1.66 -24.41
C MET B 288 2.39 0.17 -24.28
N ASN B 289 1.77 -0.63 -25.13
CA ASN B 289 1.96 -2.10 -25.12
C ASN B 289 1.57 -2.73 -26.47
N PRO B 290 2.58 -3.18 -27.28
CA PRO B 290 2.34 -3.92 -28.56
C PRO B 290 1.21 -4.98 -28.53
N ASN B 291 1.07 -5.67 -27.39
CA ASN B 291 -0.09 -6.52 -27.08
C ASN B 291 -1.10 -5.67 -26.35
N PRO B 298 -13.85 0.72 -22.61
CA PRO B 298 -15.03 1.63 -22.56
C PRO B 298 -14.74 3.04 -23.13
N GLN B 299 -15.58 3.55 -24.04
CA GLN B 299 -15.29 4.79 -24.83
C GLN B 299 -15.69 6.16 -24.20
N ILE B 300 -14.70 7.04 -23.92
CA ILE B 300 -14.91 8.42 -23.39
C ILE B 300 -14.08 9.49 -24.16
N LYS B 301 -14.62 10.70 -24.32
CA LYS B 301 -13.90 11.81 -24.99
C LYS B 301 -13.07 12.69 -24.04
N ALA B 302 -12.08 13.35 -24.62
CA ALA B 302 -11.07 14.08 -23.85
C ALA B 302 -11.59 15.31 -23.05
N HIS B 303 -11.68 15.17 -21.72
CA HIS B 303 -11.88 16.31 -20.81
C HIS B 303 -10.74 17.37 -20.98
N PRO B 304 -11.07 18.66 -21.29
CA PRO B 304 -10.02 19.68 -21.52
C PRO B 304 -9.23 20.09 -20.26
N TRP B 305 -7.97 20.48 -20.45
CA TRP B 305 -7.01 20.66 -19.35
C TRP B 305 -7.29 21.82 -18.39
N THR B 306 -7.87 22.90 -18.90
CA THR B 306 -8.13 24.09 -18.09
C THR B 306 -9.21 23.79 -17.05
N LYS B 307 -10.33 23.20 -17.48
CA LYS B 307 -11.41 22.80 -16.56
C LYS B 307 -10.96 21.85 -15.39
N VAL B 308 -9.80 21.19 -15.53
CA VAL B 308 -9.27 20.27 -14.49
C VAL B 308 -8.80 21.01 -13.24
N PHE B 309 -8.07 22.11 -13.44
CA PHE B 309 -7.50 22.88 -12.32
C PHE B 309 -8.31 24.11 -11.86
N ARG B 310 -8.08 24.54 -10.61
CA ARG B 310 -8.64 25.82 -10.10
C ARG B 310 -8.51 26.92 -11.15
N PRO B 311 -9.55 27.78 -11.28
CA PRO B 311 -9.57 28.79 -12.37
C PRO B 311 -8.35 29.78 -12.42
N ARG B 312 -7.74 30.12 -11.29
CA ARG B 312 -6.58 31.01 -11.30
C ARG B 312 -5.23 30.25 -11.38
N THR B 313 -5.23 29.04 -11.94
CA THR B 313 -4.02 28.26 -12.08
C THR B 313 -3.17 28.78 -13.24
N PRO B 314 -1.85 28.98 -13.03
CA PRO B 314 -1.03 29.62 -14.11
C PRO B 314 -0.96 28.78 -15.37
N PRO B 315 -1.32 29.36 -16.51
CA PRO B 315 -1.45 28.53 -17.71
C PRO B 315 -0.18 27.73 -18.10
N GLU B 316 0.98 28.15 -17.59
CA GLU B 316 2.26 27.45 -17.84
C GLU B 316 2.38 26.14 -17.06
N ALA B 317 1.81 26.10 -15.87
CA ALA B 317 1.73 24.91 -15.07
C ALA B 317 0.89 23.85 -15.78
N ILE B 318 -0.26 24.29 -16.28
CA ILE B 318 -1.20 23.46 -17.01
C ILE B 318 -0.57 22.88 -18.24
N ALA B 319 0.13 23.71 -18.98
CA ALA B 319 0.73 23.32 -20.22
C ALA B 319 1.84 22.28 -20.00
N LEU B 320 2.67 22.49 -18.98
CA LEU B 320 3.74 21.56 -18.61
C LEU B 320 3.13 20.20 -18.24
N CYS B 321 2.10 20.28 -17.43
CA CYS B 321 1.38 19.12 -17.00
C CYS B 321 0.88 18.29 -18.21
N SER B 322 0.35 18.97 -19.21
CA SER B 322 -0.15 18.29 -20.41
C SER B 322 0.93 17.55 -21.19
N ARG B 323 2.15 18.07 -21.21
CA ARG B 323 3.25 17.42 -21.91
C ARG B 323 3.89 16.31 -21.06
N LEU B 324 3.49 16.19 -19.81
CA LEU B 324 4.00 15.14 -18.91
C LEU B 324 3.05 13.95 -18.82
N LEU B 325 1.77 14.24 -18.69
CA LEU B 325 0.73 13.21 -18.60
C LEU B 325 0.09 12.96 -19.95
N GLU B 326 0.91 12.35 -20.81
CA GLU B 326 0.56 11.90 -22.14
C GLU B 326 0.51 10.37 -22.13
N TYR B 327 -0.42 9.76 -22.86
CA TYR B 327 -0.46 8.28 -22.96
C TYR B 327 0.80 7.75 -23.63
N THR B 328 1.27 8.44 -24.67
CA THR B 328 2.40 7.95 -25.45
C THR B 328 3.68 8.22 -24.72
N PRO B 329 4.32 7.14 -24.23
CA PRO B 329 5.53 7.33 -23.40
C PRO B 329 6.61 8.21 -24.02
N THR B 330 6.84 8.03 -25.31
CA THR B 330 7.90 8.77 -26.00
C THR B 330 7.54 10.21 -26.30
N ALA B 331 6.27 10.55 -26.23
CA ALA B 331 5.82 11.91 -26.39
C ALA B 331 6.05 12.77 -25.13
N ARG B 332 6.18 12.16 -23.97
CA ARG B 332 6.43 12.88 -22.72
C ARG B 332 7.76 13.58 -22.75
N LEU B 333 7.83 14.81 -22.24
CA LEU B 333 9.08 15.54 -22.10
C LEU B 333 10.11 14.72 -21.35
N THR B 334 11.40 14.93 -21.64
CA THR B 334 12.50 14.48 -20.78
C THR B 334 12.64 15.40 -19.53
N PRO B 335 13.35 14.93 -18.49
CA PRO B 335 13.49 15.73 -17.34
C PRO B 335 14.16 17.11 -17.58
N LEU B 336 15.22 17.14 -18.35
CA LEU B 336 15.83 18.40 -18.72
C LEU B 336 14.94 19.32 -19.50
N GLU B 337 14.23 18.77 -20.47
CA GLU B 337 13.21 19.56 -21.20
C GLU B 337 12.16 20.12 -20.28
N ALA B 338 11.84 19.33 -19.27
CA ALA B 338 10.95 19.75 -18.24
C ALA B 338 11.56 20.96 -17.50
N CYS B 339 12.81 20.84 -17.05
CA CYS B 339 13.51 21.95 -16.40
C CYS B 339 13.60 23.22 -17.28
N ALA B 340 13.72 23.05 -18.59
CA ALA B 340 13.77 24.19 -19.53
C ALA B 340 12.43 24.87 -19.78
N HIS B 341 11.34 24.34 -19.24
CA HIS B 341 10.00 24.79 -19.61
C HIS B 341 9.76 26.17 -19.01
N SER B 342 8.86 26.93 -19.62
CA SER B 342 8.68 28.31 -19.22
C SER B 342 7.99 28.51 -17.84
N PHE B 343 7.21 27.53 -17.38
CA PHE B 343 6.81 27.44 -15.95
C PHE B 343 7.92 27.75 -14.96
N PHE B 344 9.13 27.31 -15.27
CA PHE B 344 10.27 27.53 -14.39
C PHE B 344 11.03 28.87 -14.68
N ASP B 345 10.50 29.72 -15.57
CA ASP B 345 11.18 31.02 -15.98
C ASP B 345 11.49 31.91 -14.76
N GLU B 346 10.51 32.18 -13.91
CA GLU B 346 10.71 32.88 -12.64
C GLU B 346 11.95 32.40 -11.85
N LEU B 347 12.25 31.10 -11.86
CA LEU B 347 13.47 30.58 -11.21
C LEU B 347 14.78 31.06 -11.88
N ARG B 348 14.72 31.45 -13.15
CA ARG B 348 15.87 32.00 -13.88
C ARG B 348 15.99 33.56 -13.90
N ASP B 349 15.05 34.26 -13.27
CA ASP B 349 15.22 35.68 -12.92
C ASP B 349 16.40 35.77 -11.92
N PRO B 350 17.33 36.74 -12.11
CA PRO B 350 18.37 36.99 -11.08
C PRO B 350 17.85 37.60 -9.77
N ASN B 351 16.73 38.31 -9.85
CA ASN B 351 16.09 38.91 -8.67
C ASN B 351 15.27 37.96 -7.78
N VAL B 352 15.29 36.66 -8.09
CA VAL B 352 14.42 35.67 -7.42
C VAL B 352 14.85 35.34 -5.95
N LYS B 353 13.89 35.53 -5.04
CA LYS B 353 14.08 35.23 -3.63
C LYS B 353 13.10 34.19 -3.17
N LEU B 354 13.51 33.40 -2.18
CA LEU B 354 12.57 32.60 -1.46
C LEU B 354 11.63 33.55 -0.74
N PRO B 355 10.39 33.12 -0.54
CA PRO B 355 9.48 33.94 0.25
C PRO B 355 10.04 34.40 1.63
N ASN B 356 10.84 33.56 2.29
CA ASN B 356 11.39 33.94 3.60
C ASN B 356 12.55 34.95 3.54
N GLY B 357 12.75 35.64 2.41
CA GLY B 357 13.85 36.56 2.23
C GLY B 357 15.17 36.00 1.76
N ARG B 358 15.47 34.72 2.06
CA ARG B 358 16.77 34.10 1.67
C ARG B 358 16.91 33.89 0.15
N ASP B 359 18.11 33.56 -0.30
CA ASP B 359 18.33 33.21 -1.70
C ASP B 359 17.88 31.77 -1.99
N THR B 360 17.59 31.51 -3.25
CA THR B 360 17.15 30.21 -3.69
C THR B 360 18.28 29.24 -3.56
N PRO B 361 17.98 27.94 -3.44
CA PRO B 361 19.04 26.95 -3.44
C PRO B 361 19.72 26.90 -4.80
N ALA B 362 20.77 26.10 -4.92
CA ALA B 362 21.51 25.97 -6.19
C ALA B 362 20.62 25.30 -7.23
N LEU B 363 20.48 25.95 -8.38
CA LEU B 363 19.56 25.50 -9.44
C LEU B 363 20.17 25.38 -10.82
N PHE B 364 21.31 26.05 -11.06
CA PHE B 364 21.96 26.15 -12.38
C PHE B 364 23.37 25.59 -12.48
N ASN B 365 23.90 25.05 -11.41
CA ASN B 365 25.23 24.43 -11.44
C ASN B 365 25.19 23.08 -12.11
N PHE B 366 24.91 23.04 -13.39
CA PHE B 366 24.82 21.76 -14.11
C PHE B 366 26.20 21.25 -14.53
N THR B 367 26.51 20.01 -14.14
CA THR B 367 27.69 19.30 -14.67
C THR B 367 27.41 18.71 -16.07
N THR B 368 28.45 18.15 -16.68
CA THR B 368 28.38 17.55 -18.00
C THR B 368 27.58 16.23 -18.04
N GLN B 369 27.65 15.41 -16.99
CA GLN B 369 26.73 14.25 -16.87
C GLN B 369 25.26 14.70 -16.96
N GLU B 370 24.87 15.65 -16.12
CA GLU B 370 23.50 16.17 -16.11
C GLU B 370 23.04 16.58 -17.49
N LEU B 371 23.93 17.23 -18.24
CA LEU B 371 23.60 17.79 -19.57
C LEU B 371 24.01 16.93 -20.74
N SER B 372 24.14 15.62 -20.52
CA SER B 372 24.70 14.73 -21.55
C SER B 372 23.68 14.42 -22.65
N SER B 373 22.41 14.26 -22.29
CA SER B 373 21.38 13.90 -23.28
C SER B 373 20.98 15.04 -24.27
N ASN B 374 21.30 16.30 -23.93
CA ASN B 374 20.94 17.43 -24.79
C ASN B 374 21.69 18.72 -24.45
N PRO B 375 23.03 18.74 -24.64
CA PRO B 375 23.88 19.91 -24.24
C PRO B 375 23.41 21.32 -24.63
N PRO B 376 22.82 21.50 -25.83
CA PRO B 376 22.27 22.82 -26.22
C PRO B 376 21.24 23.48 -25.32
N LEU B 377 20.52 22.69 -24.52
CA LEU B 377 19.57 23.27 -23.55
C LEU B 377 20.24 24.14 -22.49
N ALA B 378 21.54 23.96 -22.25
CA ALA B 378 22.34 24.86 -21.40
C ALA B 378 22.12 26.34 -21.74
N THR B 379 21.86 26.65 -23.01
CA THR B 379 21.45 28.01 -23.45
C THR B 379 20.33 28.57 -22.57
N ILE B 380 19.30 27.73 -22.38
CA ILE B 380 18.07 28.12 -21.72
C ILE B 380 18.12 27.84 -20.24
N LEU B 381 18.79 26.76 -19.86
CA LEU B 381 18.86 26.30 -18.48
C LEU B 381 19.81 27.13 -17.64
N ILE B 382 20.97 27.47 -18.21
CA ILE B 382 21.94 28.35 -17.56
C ILE B 382 21.72 29.77 -18.11
N PRO B 383 21.14 30.66 -17.28
CA PRO B 383 20.81 32.01 -17.73
C PRO B 383 22.05 32.90 -17.69
N PRO B 384 21.97 34.11 -18.31
CA PRO B 384 23.14 35.01 -18.38
C PRO B 384 23.89 35.23 -17.03
N HIS B 385 23.18 35.72 -16.02
CA HIS B 385 23.79 36.05 -14.72
C HIS B 385 24.53 34.91 -13.97
N ALA B 386 24.46 33.68 -14.45
CA ALA B 386 25.19 32.54 -13.87
C ALA B 386 26.17 31.92 -14.86
N ARG B 387 26.33 32.52 -16.04
CA ARG B 387 27.11 31.90 -17.17
C ARG B 387 28.62 32.17 -17.04
C11 65A C . -13.36 -12.67 -6.14
C13 65A C . -12.07 -13.36 -5.99
C16 65A C . -11.42 -9.02 -3.19
C15 65A C . -12.13 -9.34 -4.33
C14 65A C . -11.53 -10.01 -5.41
C9 65A C . -12.30 -10.27 -6.66
C19 65A C . -10.11 -10.32 -5.22
C20 65A C . -8.45 -12.01 -5.89
C8 65A C . -13.88 -5.77 -5.66
C6 65A C . -14.12 -6.13 -7.15
N3 65A C . -15.21 -9.68 -6.67
C4 65A C . -12.11 -7.75 -7.33
C5 65A C . -12.82 -6.50 -7.85
C2 65A C . -14.37 -8.69 -6.95
C1 65A C . -15.01 -7.35 -7.24
O1 65A C . -10.88 -7.81 -7.32
C7 65A C . -14.77 -4.95 -7.86
C3 65A C . -12.94 -8.94 -6.98
O2 65A C . -9.41 -10.97 -6.19
C18 65A C . -9.44 -9.98 -4.05
C17 65A C . -10.07 -9.31 -3.04
C10 65A C . -13.36 -11.24 -6.44
C12 65A C . -14.77 -10.90 -6.45
N2 65A C . -15.53 -12.01 -6.21
N1 65A C . -14.62 -13.05 -6.01
C11 65A D . 15.56 9.43 5.36
C13 65A D . 16.01 8.11 4.81
C16 65A D . 11.21 9.09 3.09
C15 65A D . 11.84 9.33 4.30
C14 65A D . 12.56 8.35 5.00
C9 65A D . 13.20 8.67 6.31
C19 65A D . 12.60 7.02 4.35
C20 65A D . 14.05 5.04 4.21
C8 65A D . 8.95 10.90 6.91
C6 65A D . 9.76 10.88 8.22
N3 65A D . 13.20 11.59 6.99
C4 65A D . 10.93 8.71 7.58
C5 65A D . 10.05 9.42 8.60
C2 65A D . 12.17 10.88 7.36
C1 65A D . 11.06 11.65 8.08
O1 65A D . 10.73 7.57 7.25
C7 65A D . 8.94 11.59 9.27
C3 65A D . 12.15 9.41 7.07
O2 65A D . 13.29 6.01 4.93
C18 65A D . 11.95 6.80 3.13
C17 65A D . 11.25 7.83 2.51
C10 65A D . 14.27 9.57 6.05
C12 65A D . 14.21 11.01 6.34
N2 65A D . 15.35 11.64 5.94
N1 65A D . 16.13 10.63 5.36
#